data_7CDG
#
_entry.id   7CDG
#
_cell.length_a   122.246
_cell.length_b   179.519
_cell.length_c   233.338
_cell.angle_alpha   90.00
_cell.angle_beta   90.00
_cell.angle_gamma   90.00
#
_symmetry.space_group_name_H-M   'I 2 2 2'
#
loop_
_entity.id
_entity.type
_entity.pdbx_description
1 polymer 'Lysine-specific histone demethylase 1A'
2 polymer 'REST corepressor 1'
3 polymer PRO-ARG-SER-PHE-LEU-VAL-ARG-ARG-ARG
4 non-polymer 'FLAVIN-ADENINE DINUCLEOTIDE'
5 non-polymer GLYCEROL
6 water water
#
loop_
_entity_poly.entity_id
_entity_poly.type
_entity_poly.pdbx_seq_one_letter_code
_entity_poly.pdbx_strand_id
1 'polypeptide(L)'
;GPLGSHMSGVEGAAFQSRLPHDRMTSQEAACFPDIISGPQQTQKVFLFIRNRTLQLWLDNPKIQLTFEATLQQLEAPYNS
DTVLVHRVHSYLERHGLINFGIYKRIKPLPTKKTGKVIIIGSGVSGLAAARQLQSFGMDVTLLEARDRVGGRVATFRKGN
YVADLGAMVVTGLGGNPMAVVSKQVNMELAKIKQKCPLYEANGQAVPKEKDEMVEQEFNRLLEATSYLSHQLDFNVLNNK
PVSLGQALEVVIQLQEKHVKDEQIEHWKKIVKTQEELKELLNKMVNLKEKIKELHQQYKEASEVKPPRDITAEFLVKSKH
RDLTALCKEYDELAETQGKLEEKLQELEANPPSDVYLSSRDRQILDWHFANLEFANATPLSTLSLKHWDQDDDFEFTGSH
LTVRNGYSCVPVALAEGLDIKLNTAVRQVRYTASGCEVIAVNTRSTSQTFIYKCDAVLCTLPLGVLKQQPPAVQFVPPLP
EWKTSAVQRMGFGNLNKVVLCFDRVFWDPSVNLFGHVGSTTASRGELFLFWNLYKAPILLALVAGEAAGIMENISDDVIV
GRCLAILKGIFGSSAVPQPKETVVSRWRADPWARGSYSYVAAGSSGNDYDLMAQPITPGPSIPGAPQPIPRLFFAGEHTI
RNYPATVHGALLSGLREAGRIADQFLGAM
;
A
2 'polypeptide(L)'
;GSSGSASRKPPKGMFLSQEDVEAVSANATAATTVLRQLDMELVSVKRQIQNIKQTNSALKEKLDGGIEPYRLPEVIQKCN
ARWTTEEQLLAVQAIRKYGRDFQAISDVIGNKSVVQVKNFFVNYRRRFNIDEVLQEWEAE
;
B
3 'polypeptide(L)' PRSFLVRRR C
#
# COMPACT_ATOMS: atom_id res chain seq x y z
N SER A 8 -27.63 -18.71 -5.75
CA SER A 8 -28.52 -19.83 -5.29
C SER A 8 -28.69 -19.77 -3.77
N GLY A 9 -29.58 -20.61 -3.22
CA GLY A 9 -29.87 -20.71 -1.77
C GLY A 9 -28.93 -21.68 -1.08
N VAL A 10 -28.69 -22.85 -1.68
CA VAL A 10 -27.74 -23.89 -1.18
C VAL A 10 -26.29 -23.38 -1.36
N GLU A 11 -26.00 -22.71 -2.47
CA GLU A 11 -24.63 -22.18 -2.78
C GLU A 11 -24.31 -21.02 -1.85
N GLY A 12 -25.30 -20.20 -1.50
CA GLY A 12 -25.16 -19.06 -0.58
C GLY A 12 -24.91 -19.50 0.85
N ALA A 13 -25.46 -20.65 1.25
CA ALA A 13 -25.31 -21.25 2.60
C ALA A 13 -23.85 -21.70 2.81
N ALA A 14 -23.23 -22.27 1.78
CA ALA A 14 -21.80 -22.68 1.76
C ALA A 14 -20.92 -21.44 1.89
N PHE A 15 -21.26 -20.37 1.17
CA PHE A 15 -20.53 -19.08 1.19
C PHE A 15 -20.60 -18.47 2.59
N GLN A 16 -21.78 -18.46 3.20
CA GLN A 16 -22.03 -17.87 4.55
C GLN A 16 -21.30 -18.71 5.61
N SER A 17 -20.97 -19.96 5.29
CA SER A 17 -20.23 -20.91 6.17
C SER A 17 -18.74 -20.96 5.80
N ARG A 18 -18.29 -20.08 4.90
CA ARG A 18 -16.87 -19.94 4.46
C ARG A 18 -16.39 -21.25 3.85
N LEU A 19 -17.29 -22.04 3.24
CA LEU A 19 -16.99 -23.32 2.57
C LEU A 19 -17.21 -23.16 1.07
N PRO A 20 -16.40 -23.82 0.21
CA PRO A 20 -16.66 -23.86 -1.23
C PRO A 20 -17.83 -24.80 -1.55
N HIS A 21 -18.86 -24.29 -2.24
CA HIS A 21 -20.18 -24.97 -2.45
C HIS A 21 -20.02 -26.22 -3.30
N ASP A 22 -19.02 -26.27 -4.19
CA ASP A 22 -18.92 -27.29 -5.27
C ASP A 22 -17.71 -28.22 -5.05
N ARG A 23 -17.09 -28.19 -3.86
CA ARG A 23 -15.87 -28.97 -3.57
C ARG A 23 -15.81 -29.36 -2.09
N MET A 24 -15.22 -30.51 -1.79
CA MET A 24 -15.01 -31.00 -0.40
C MET A 24 -13.70 -30.43 0.14
N THR A 25 -13.73 -29.91 1.37
CA THR A 25 -12.59 -29.27 2.08
C THR A 25 -11.65 -30.36 2.61
N SER A 26 -10.51 -29.95 3.17
CA SER A 26 -9.51 -30.84 3.83
C SER A 26 -10.15 -31.49 5.07
N GLN A 27 -10.89 -30.71 5.87
CA GLN A 27 -11.57 -31.17 7.11
C GLN A 27 -12.54 -32.30 6.76
N GLU A 28 -13.31 -32.13 5.66
CA GLU A 28 -14.33 -33.09 5.18
C GLU A 28 -13.65 -34.37 4.68
N ALA A 29 -12.55 -34.24 3.93
CA ALA A 29 -11.75 -35.37 3.42
C ALA A 29 -11.33 -36.29 4.57
N ALA A 30 -11.02 -35.71 5.74
CA ALA A 30 -10.51 -36.42 6.93
C ALA A 30 -11.63 -37.24 7.58
N CYS A 31 -12.85 -36.68 7.65
CA CYS A 31 -14.05 -37.28 8.30
C CYS A 31 -14.85 -38.13 7.30
N PHE A 32 -14.62 -37.98 6.00
CA PHE A 32 -15.36 -38.67 4.92
C PHE A 32 -14.39 -39.14 3.83
N PRO A 33 -13.32 -39.89 4.20
CA PRO A 33 -12.35 -40.35 3.22
C PRO A 33 -12.97 -41.28 2.17
N ASP A 34 -13.91 -42.13 2.59
CA ASP A 34 -14.68 -43.06 1.73
C ASP A 34 -15.31 -42.28 0.56
N ILE A 35 -15.91 -41.12 0.84
CA ILE A 35 -16.71 -40.33 -0.14
C ILE A 35 -15.78 -39.62 -1.12
N ILE A 36 -14.78 -38.88 -0.60
CA ILE A 36 -13.88 -38.01 -1.43
C ILE A 36 -12.94 -38.88 -2.27
N SER A 37 -12.62 -40.10 -1.82
CA SER A 37 -11.79 -41.09 -2.57
C SER A 37 -12.66 -41.86 -3.58
N GLY A 38 -13.98 -41.75 -3.44
CA GLY A 38 -14.97 -42.52 -4.22
C GLY A 38 -15.46 -41.75 -5.45
N PRO A 39 -16.59 -42.19 -6.06
CA PRO A 39 -17.08 -41.60 -7.32
C PRO A 39 -17.65 -40.18 -7.18
N GLN A 40 -17.54 -39.38 -8.25
CA GLN A 40 -17.94 -37.94 -8.32
C GLN A 40 -19.41 -37.76 -7.94
N GLN A 41 -20.27 -38.76 -8.23
CA GLN A 41 -21.73 -38.66 -8.01
C GLN A 41 -22.01 -38.61 -6.49
N THR A 42 -21.40 -39.51 -5.71
CA THR A 42 -21.56 -39.60 -4.23
C THR A 42 -21.12 -38.27 -3.60
N GLN A 43 -20.08 -37.63 -4.15
CA GLN A 43 -19.52 -36.34 -3.64
C GLN A 43 -20.56 -35.22 -3.79
N LYS A 44 -21.22 -35.13 -4.95
CA LYS A 44 -22.26 -34.10 -5.24
C LYS A 44 -23.46 -34.29 -4.30
N VAL A 45 -23.79 -35.56 -3.99
CA VAL A 45 -24.85 -35.92 -3.01
C VAL A 45 -24.44 -35.40 -1.63
N PHE A 46 -23.22 -35.72 -1.20
CA PHE A 46 -22.62 -35.26 0.08
C PHE A 46 -22.67 -33.73 0.15
N LEU A 47 -22.13 -33.07 -0.88
CA LEU A 47 -21.99 -31.59 -0.95
C LEU A 47 -23.38 -30.95 -0.82
N PHE A 48 -24.41 -31.52 -1.48
CA PHE A 48 -25.79 -30.99 -1.44
C PHE A 48 -26.36 -31.14 -0.01
N ILE A 49 -26.19 -32.31 0.61
CA ILE A 49 -26.71 -32.59 1.99
C ILE A 49 -26.11 -31.54 2.93
N ARG A 50 -24.78 -31.40 2.89
CA ARG A 50 -24.02 -30.40 3.68
C ARG A 50 -24.61 -29.00 3.42
N ASN A 51 -24.59 -28.56 2.17
CA ASN A 51 -25.05 -27.21 1.74
C ASN A 51 -26.48 -26.99 2.23
N ARG A 52 -27.35 -28.00 2.11
CA ARG A 52 -28.79 -27.91 2.47
C ARG A 52 -28.94 -27.82 3.99
N THR A 53 -28.26 -28.70 4.73
CA THR A 53 -28.28 -28.73 6.23
C THR A 53 -27.87 -27.35 6.75
N LEU A 54 -26.84 -26.75 6.16
CA LEU A 54 -26.33 -25.40 6.51
C LEU A 54 -27.44 -24.37 6.26
N GLN A 55 -28.02 -24.38 5.05
CA GLN A 55 -29.13 -23.48 4.63
C GLN A 55 -30.22 -23.49 5.71
N LEU A 56 -30.65 -24.70 6.12
CA LEU A 56 -31.73 -24.90 7.12
C LEU A 56 -31.36 -24.19 8.43
N TRP A 57 -30.16 -24.48 8.96
CA TRP A 57 -29.62 -23.85 10.20
C TRP A 57 -29.59 -22.33 10.04
N LEU A 58 -29.11 -21.83 8.89
CA LEU A 58 -28.86 -20.39 8.64
C LEU A 58 -30.18 -19.63 8.51
N ASP A 59 -31.19 -20.25 7.87
CA ASP A 59 -32.54 -19.67 7.64
C ASP A 59 -33.25 -19.43 8.98
N ASN A 60 -32.89 -20.19 10.03
CA ASN A 60 -33.43 -20.01 11.41
C ASN A 60 -32.41 -20.54 12.42
N PRO A 61 -31.46 -19.70 12.86
CA PRO A 61 -30.44 -20.11 13.82
C PRO A 61 -30.81 -19.89 15.29
N LYS A 62 -32.08 -19.56 15.57
CA LYS A 62 -32.60 -19.27 16.93
C LYS A 62 -33.06 -20.56 17.62
N ILE A 63 -33.18 -21.67 16.87
CA ILE A 63 -33.61 -22.99 17.41
C ILE A 63 -32.69 -24.08 16.85
N GLN A 64 -32.31 -25.04 17.71
CA GLN A 64 -31.47 -26.22 17.36
C GLN A 64 -32.04 -26.90 16.11
N LEU A 65 -31.17 -27.20 15.14
CA LEU A 65 -31.50 -28.07 13.97
C LEU A 65 -31.06 -29.50 14.31
N THR A 66 -32.01 -30.38 14.63
CA THR A 66 -31.76 -31.81 14.95
C THR A 66 -31.52 -32.60 13.66
N PHE A 67 -31.05 -33.84 13.78
CA PHE A 67 -30.84 -34.77 12.64
C PHE A 67 -32.19 -35.11 12.02
N GLU A 68 -33.19 -35.38 12.86
CA GLU A 68 -34.56 -35.77 12.44
C GLU A 68 -35.16 -34.64 11.60
N ALA A 69 -35.14 -33.40 12.14
CA ALA A 69 -35.63 -32.17 11.47
C ALA A 69 -34.97 -32.01 10.10
N THR A 70 -33.66 -32.33 10.00
CA THR A 70 -32.85 -32.20 8.76
C THR A 70 -33.37 -33.21 7.72
N LEU A 71 -33.51 -34.48 8.12
CA LEU A 71 -33.91 -35.61 7.24
C LEU A 71 -35.31 -35.36 6.68
N GLN A 72 -36.23 -34.83 7.49
CA GLN A 72 -37.62 -34.47 7.10
C GLN A 72 -37.57 -33.56 5.87
N GLN A 73 -36.76 -32.49 5.92
CA GLN A 73 -36.78 -31.38 4.92
C GLN A 73 -35.92 -31.73 3.70
N LEU A 74 -35.16 -32.83 3.74
CA LEU A 74 -34.39 -33.35 2.57
C LEU A 74 -35.36 -34.05 1.61
N GLU A 75 -34.96 -34.22 0.34
CA GLU A 75 -35.74 -34.90 -0.73
C GLU A 75 -34.85 -35.93 -1.43
N ALA A 76 -35.45 -36.98 -2.00
CA ALA A 76 -34.76 -38.06 -2.74
C ALA A 76 -34.10 -37.48 -3.98
N PRO A 77 -32.95 -38.03 -4.46
CA PRO A 77 -32.32 -39.21 -3.85
C PRO A 77 -31.37 -38.89 -2.68
N TYR A 78 -31.41 -37.66 -2.16
CA TYR A 78 -30.50 -37.14 -1.11
C TYR A 78 -30.93 -37.66 0.27
N ASN A 79 -32.24 -37.82 0.48
CA ASN A 79 -32.83 -38.29 1.76
C ASN A 79 -32.88 -39.83 1.79
N SER A 80 -32.55 -40.49 0.68
CA SER A 80 -32.45 -41.97 0.55
C SER A 80 -31.54 -42.52 1.64
N ASP A 81 -30.25 -42.16 1.61
CA ASP A 81 -29.21 -42.68 2.55
C ASP A 81 -29.28 -41.90 3.87
N THR A 82 -29.64 -42.57 4.97
CA THR A 82 -29.89 -41.96 6.30
C THR A 82 -28.58 -41.85 7.10
N VAL A 83 -27.72 -42.87 7.03
CA VAL A 83 -26.40 -42.87 7.75
C VAL A 83 -25.54 -41.72 7.19
N LEU A 84 -25.54 -41.51 5.87
CA LEU A 84 -24.80 -40.40 5.22
C LEU A 84 -25.30 -39.06 5.76
N VAL A 85 -26.63 -38.84 5.74
CA VAL A 85 -27.27 -37.60 6.26
C VAL A 85 -26.88 -37.41 7.73
N HIS A 86 -26.85 -38.50 8.51
CA HIS A 86 -26.53 -38.48 9.97
C HIS A 86 -25.06 -38.12 10.18
N ARG A 87 -24.15 -38.71 9.39
CA ARG A 87 -22.69 -38.44 9.43
C ARG A 87 -22.43 -36.96 9.12
N VAL A 88 -23.09 -36.42 8.09
CA VAL A 88 -22.97 -35.00 7.64
C VAL A 88 -23.45 -34.08 8.76
N HIS A 89 -24.68 -34.30 9.26
CA HIS A 89 -25.27 -33.49 10.35
C HIS A 89 -24.33 -33.49 11.55
N SER A 90 -23.78 -34.65 11.89
CA SER A 90 -22.90 -34.87 13.08
C SER A 90 -21.62 -34.04 12.93
N TYR A 91 -20.93 -34.15 11.79
CA TYR A 91 -19.72 -33.37 11.42
C TYR A 91 -20.02 -31.87 11.61
N LEU A 92 -21.09 -31.38 10.99
CA LEU A 92 -21.47 -29.94 11.01
C LEU A 92 -21.72 -29.47 12.44
N GLU A 93 -22.35 -30.32 13.28
CA GLU A 93 -22.72 -29.98 14.68
C GLU A 93 -21.44 -29.93 15.52
N ARG A 94 -20.58 -30.94 15.36
CA ARG A 94 -19.32 -31.14 16.12
C ARG A 94 -18.37 -29.97 15.88
N HIS A 95 -18.19 -29.60 14.61
CA HIS A 95 -17.27 -28.52 14.13
C HIS A 95 -17.95 -27.15 14.19
N GLY A 96 -19.15 -27.05 14.78
CA GLY A 96 -19.81 -25.78 15.14
C GLY A 96 -20.24 -24.96 13.93
N LEU A 97 -20.56 -25.61 12.82
CA LEU A 97 -21.08 -24.96 11.59
C LEU A 97 -22.60 -24.83 11.67
N ILE A 98 -23.24 -25.67 12.49
CA ILE A 98 -24.68 -25.59 12.88
C ILE A 98 -24.77 -25.72 14.40
N ASN A 99 -25.83 -25.19 15.00
CA ASN A 99 -26.09 -25.25 16.47
C ASN A 99 -24.85 -24.71 17.21
N PHE A 100 -24.43 -23.50 16.84
CA PHE A 100 -23.43 -22.68 17.56
C PHE A 100 -24.10 -21.38 18.02
N GLY A 101 -23.55 -20.76 19.06
CA GLY A 101 -24.04 -19.49 19.61
C GLY A 101 -25.14 -19.71 20.63
N ILE A 102 -26.29 -19.06 20.44
CA ILE A 102 -27.44 -19.08 21.39
C ILE A 102 -28.70 -19.51 20.65
N TYR A 103 -29.06 -20.79 20.78
CA TYR A 103 -30.23 -21.45 20.15
C TYR A 103 -31.08 -22.06 21.26
N LYS A 104 -32.40 -21.92 21.17
CA LYS A 104 -33.36 -22.69 22.03
C LYS A 104 -33.13 -24.17 21.74
N ARG A 105 -32.72 -24.94 22.74
CA ARG A 105 -32.44 -26.39 22.60
C ARG A 105 -33.77 -27.15 22.58
N ILE A 106 -33.92 -28.10 21.65
CA ILE A 106 -35.15 -28.94 21.49
C ILE A 106 -35.14 -30.03 22.58
N LYS A 107 -34.14 -30.93 22.53
CA LYS A 107 -33.94 -32.00 23.54
C LYS A 107 -33.01 -31.47 24.64
N PRO A 108 -33.50 -31.23 25.88
CA PRO A 108 -32.65 -30.72 26.97
C PRO A 108 -31.38 -31.56 27.19
N LEU A 109 -30.32 -30.92 27.69
CA LEU A 109 -28.97 -31.54 27.89
C LEU A 109 -29.08 -32.65 28.93
N PRO A 110 -28.44 -33.82 28.71
CA PRO A 110 -28.43 -34.89 29.72
C PRO A 110 -27.71 -34.44 30.99
N THR A 111 -28.31 -34.71 32.16
CA THR A 111 -27.78 -34.39 33.51
C THR A 111 -26.43 -35.10 33.70
N LYS A 112 -26.25 -36.28 33.10
CA LYS A 112 -25.01 -37.09 33.13
C LYS A 112 -23.98 -36.47 32.19
N LYS A 113 -22.97 -35.78 32.75
CA LYS A 113 -21.88 -35.10 32.00
C LYS A 113 -20.68 -36.05 31.86
N THR A 114 -19.98 -35.98 30.73
CA THR A 114 -18.78 -36.80 30.41
C THR A 114 -17.56 -35.89 30.26
N GLY A 115 -16.49 -36.15 31.02
CA GLY A 115 -15.21 -35.41 30.94
C GLY A 115 -15.30 -34.06 31.64
N LYS A 116 -14.16 -33.52 32.08
CA LYS A 116 -14.05 -32.21 32.77
C LYS A 116 -12.98 -31.35 32.08
N VAL A 117 -13.36 -30.14 31.64
CA VAL A 117 -12.48 -29.16 30.94
C VAL A 117 -12.44 -27.86 31.73
N ILE A 118 -11.23 -27.35 32.02
CA ILE A 118 -11.00 -25.96 32.49
C ILE A 118 -10.64 -25.12 31.26
N ILE A 119 -11.32 -23.99 31.10
CA ILE A 119 -11.07 -22.98 30.02
C ILE A 119 -10.51 -21.71 30.68
N ILE A 120 -9.30 -21.33 30.32
CA ILE A 120 -8.64 -20.09 30.83
C ILE A 120 -9.09 -18.92 29.93
N GLY A 121 -9.76 -17.93 30.52
CA GLY A 121 -10.25 -16.72 29.84
C GLY A 121 -11.71 -16.84 29.46
N SER A 122 -12.51 -15.81 29.76
CA SER A 122 -13.95 -15.67 29.41
C SER A 122 -14.13 -14.65 28.27
N GLY A 123 -13.12 -14.50 27.40
CA GLY A 123 -13.24 -13.80 26.12
C GLY A 123 -14.15 -14.56 25.17
N VAL A 124 -14.35 -14.03 23.96
CA VAL A 124 -15.29 -14.62 22.97
C VAL A 124 -14.80 -16.04 22.62
N SER A 125 -13.50 -16.22 22.39
CA SER A 125 -12.90 -17.55 22.06
C SER A 125 -13.25 -18.55 23.17
N GLY A 126 -13.05 -18.16 24.44
CA GLY A 126 -13.36 -18.99 25.63
C GLY A 126 -14.84 -19.33 25.71
N LEU A 127 -15.71 -18.32 25.62
CA LEU A 127 -17.19 -18.45 25.77
C LEU A 127 -17.74 -19.34 24.64
N ALA A 128 -17.28 -19.13 23.41
CA ALA A 128 -17.71 -19.89 22.22
C ALA A 128 -17.42 -21.38 22.44
N ALA A 129 -16.18 -21.70 22.85
CA ALA A 129 -15.72 -23.09 23.11
C ALA A 129 -16.57 -23.71 24.23
N ALA A 130 -16.73 -22.98 25.35
CA ALA A 130 -17.46 -23.42 26.57
C ALA A 130 -18.88 -23.88 26.21
N ARG A 131 -19.62 -23.07 25.45
CA ARG A 131 -21.01 -23.37 25.02
C ARG A 131 -21.03 -24.67 24.21
N GLN A 132 -20.15 -24.78 23.22
CA GLN A 132 -20.03 -25.98 22.35
C GLN A 132 -19.80 -27.22 23.22
N LEU A 133 -18.88 -27.14 24.18
CA LEU A 133 -18.46 -28.29 25.03
C LEU A 133 -19.62 -28.72 25.94
N GLN A 134 -20.20 -27.76 26.68
CA GLN A 134 -21.41 -27.95 27.52
C GLN A 134 -22.52 -28.57 26.64
N SER A 135 -22.71 -28.03 25.43
CA SER A 135 -23.68 -28.52 24.42
C SER A 135 -23.43 -30.00 24.09
N PHE A 136 -22.17 -30.46 24.11
CA PHE A 136 -21.78 -31.86 23.81
C PHE A 136 -21.83 -32.72 25.08
N GLY A 137 -22.13 -32.11 26.23
CA GLY A 137 -22.35 -32.81 27.51
C GLY A 137 -21.07 -33.01 28.30
N MET A 138 -20.09 -32.12 28.14
CA MET A 138 -18.88 -32.10 28.99
C MET A 138 -19.11 -31.17 30.17
N ASP A 139 -18.34 -31.34 31.24
CA ASP A 139 -18.35 -30.45 32.43
C ASP A 139 -17.33 -29.33 32.15
N VAL A 140 -17.81 -28.09 32.02
CA VAL A 140 -16.98 -26.92 31.62
C VAL A 140 -16.97 -25.89 32.76
N THR A 141 -15.80 -25.37 33.11
CA THR A 141 -15.61 -24.23 34.04
C THR A 141 -14.61 -23.26 33.42
N LEU A 142 -15.00 -21.99 33.27
CA LEU A 142 -14.12 -20.91 32.78
C LEU A 142 -13.51 -20.18 33.98
N LEU A 143 -12.19 -19.96 33.96
CA LEU A 143 -11.47 -19.11 34.93
C LEU A 143 -11.16 -17.77 34.24
N GLU A 144 -11.55 -16.66 34.87
CA GLU A 144 -11.46 -15.29 34.31
C GLU A 144 -10.84 -14.38 35.38
N ALA A 145 -9.75 -13.68 35.04
CA ALA A 145 -9.01 -12.78 35.96
C ALA A 145 -9.84 -11.52 36.23
N ARG A 146 -10.52 -11.01 35.20
CA ARG A 146 -11.33 -9.76 35.28
C ARG A 146 -12.60 -10.00 36.11
N ASP A 147 -13.25 -8.90 36.50
CA ASP A 147 -14.56 -8.89 37.22
C ASP A 147 -15.71 -8.94 36.20
N ARG A 148 -15.39 -9.14 34.91
CA ARG A 148 -16.39 -9.15 33.80
C ARG A 148 -15.96 -10.17 32.75
N VAL A 149 -16.93 -10.58 31.91
CA VAL A 149 -16.69 -11.46 30.73
C VAL A 149 -16.45 -10.57 29.51
N GLY A 150 -15.98 -11.16 28.40
CA GLY A 150 -15.84 -10.49 27.09
C GLY A 150 -14.39 -10.17 26.74
N GLY A 151 -13.53 -10.02 27.75
CA GLY A 151 -12.10 -9.77 27.57
C GLY A 151 -11.85 -8.52 26.74
N ARG A 152 -11.24 -8.67 25.56
CA ARG A 152 -10.82 -7.54 24.67
C ARG A 152 -12.05 -6.94 23.96
N VAL A 153 -13.23 -7.55 24.15
CA VAL A 153 -14.55 -6.90 23.87
C VAL A 153 -15.00 -6.23 25.18
N ALA A 154 -14.77 -4.92 25.29
CA ALA A 154 -15.09 -4.10 26.47
C ALA A 154 -15.94 -2.90 26.03
N THR A 155 -17.09 -2.70 26.67
CA THR A 155 -18.05 -1.60 26.40
C THR A 155 -18.14 -0.69 27.63
N PHE A 156 -17.89 0.61 27.46
CA PHE A 156 -18.09 1.66 28.50
C PHE A 156 -19.59 1.94 28.61
N ARG A 157 -20.09 2.14 29.83
CA ARG A 157 -21.52 2.40 30.13
C ARG A 157 -21.66 3.34 31.33
N LYS A 158 -22.40 4.44 31.14
CA LYS A 158 -22.82 5.38 32.21
C LYS A 158 -24.06 6.13 31.70
N GLY A 159 -25.23 5.82 32.26
CA GLY A 159 -26.53 6.37 31.79
C GLY A 159 -26.88 5.88 30.40
N ASN A 160 -26.94 6.79 29.42
CA ASN A 160 -27.23 6.48 27.99
C ASN A 160 -25.93 6.48 27.18
N TYR A 161 -24.83 6.96 27.78
CA TYR A 161 -23.48 6.92 27.17
C TYR A 161 -23.04 5.46 27.05
N VAL A 162 -22.67 5.05 25.83
CA VAL A 162 -22.29 3.65 25.46
C VAL A 162 -21.21 3.72 24.36
N ALA A 163 -20.01 3.24 24.65
CA ALA A 163 -18.84 3.30 23.74
C ALA A 163 -17.90 2.11 23.98
N ASP A 164 -17.57 1.37 22.93
CA ASP A 164 -16.64 0.21 22.96
C ASP A 164 -15.20 0.70 23.03
N LEU A 165 -14.47 0.28 24.07
CA LEU A 165 -13.01 0.52 24.22
C LEU A 165 -12.22 -0.60 23.52
N GLY A 166 -12.88 -1.72 23.22
CA GLY A 166 -12.29 -2.89 22.53
C GLY A 166 -12.80 -2.99 21.11
N ALA A 167 -13.18 -4.19 20.68
CA ALA A 167 -13.80 -4.45 19.37
C ALA A 167 -15.03 -3.55 19.21
N MET A 168 -15.20 -3.00 18.00
CA MET A 168 -16.20 -1.93 17.69
C MET A 168 -16.93 -2.24 16.38
N VAL A 169 -16.26 -2.93 15.43
CA VAL A 169 -16.68 -3.04 14.00
C VAL A 169 -16.94 -4.51 13.66
N VAL A 170 -18.04 -4.78 12.97
CA VAL A 170 -18.29 -6.08 12.27
C VAL A 170 -17.84 -5.88 10.82
N THR A 171 -16.76 -6.55 10.41
CA THR A 171 -16.07 -6.28 9.11
C THR A 171 -16.78 -7.02 7.98
N GLY A 172 -18.08 -6.76 7.80
CA GLY A 172 -18.93 -7.36 6.75
C GLY A 172 -19.64 -8.61 7.23
N LEU A 173 -20.88 -8.83 6.80
CA LEU A 173 -21.72 -9.99 7.22
C LEU A 173 -21.56 -11.16 6.23
N GLY A 174 -20.95 -10.91 5.06
CA GLY A 174 -20.81 -11.92 3.99
C GLY A 174 -19.79 -12.99 4.33
N GLY A 175 -20.25 -14.09 4.94
CA GLY A 175 -19.40 -15.22 5.38
C GLY A 175 -19.04 -15.10 6.85
N ASN A 176 -19.56 -14.08 7.53
CA ASN A 176 -19.23 -13.75 8.94
C ASN A 176 -20.15 -14.57 9.84
N PRO A 177 -19.60 -15.35 10.80
CA PRO A 177 -20.44 -16.08 11.76
C PRO A 177 -21.13 -15.15 12.76
N MET A 178 -20.69 -13.88 12.86
CA MET A 178 -21.35 -12.86 13.70
C MET A 178 -22.70 -12.46 13.08
N ALA A 179 -22.88 -12.71 11.79
CA ALA A 179 -24.18 -12.62 11.07
C ALA A 179 -25.20 -13.52 11.77
N VAL A 180 -24.83 -14.78 12.02
CA VAL A 180 -25.65 -15.78 12.76
C VAL A 180 -25.90 -15.28 14.18
N VAL A 181 -24.86 -14.76 14.84
CA VAL A 181 -24.93 -14.35 16.28
C VAL A 181 -25.84 -13.11 16.40
N SER A 182 -25.88 -12.26 15.38
CA SER A 182 -26.66 -10.99 15.36
C SER A 182 -28.15 -11.27 15.22
N LYS A 183 -28.53 -12.38 14.57
CA LYS A 183 -29.93 -12.86 14.47
C LYS A 183 -30.34 -13.50 15.81
N GLN A 184 -29.36 -14.02 16.57
CA GLN A 184 -29.58 -14.75 17.86
C GLN A 184 -29.62 -13.77 19.03
N VAL A 185 -28.67 -12.83 19.07
CA VAL A 185 -28.60 -11.74 20.09
C VAL A 185 -29.13 -10.46 19.45
N ASN A 186 -29.81 -9.61 20.23
CA ASN A 186 -30.23 -8.26 19.77
C ASN A 186 -29.00 -7.34 19.78
N MET A 187 -28.23 -7.35 18.69
CA MET A 187 -27.21 -6.32 18.36
C MET A 187 -27.87 -5.30 17.43
N GLU A 188 -27.70 -4.01 17.70
CA GLU A 188 -28.15 -2.92 16.79
C GLU A 188 -27.00 -2.62 15.81
N LEU A 189 -26.94 -3.39 14.72
CA LEU A 189 -25.91 -3.23 13.65
C LEU A 189 -26.29 -2.02 12.78
N ALA A 190 -25.44 -1.00 12.76
CA ALA A 190 -25.60 0.27 12.01
C ALA A 190 -24.42 0.42 11.03
N LYS A 191 -24.69 0.53 9.73
CA LYS A 191 -23.68 0.66 8.65
C LYS A 191 -22.82 1.91 8.92
N ILE A 192 -21.52 1.79 8.67
CA ILE A 192 -20.54 2.92 8.70
C ILE A 192 -20.54 3.57 7.31
N LYS A 193 -20.69 4.90 7.27
CA LYS A 193 -20.62 5.70 6.02
C LYS A 193 -19.13 5.99 5.73
N GLN A 194 -18.65 5.51 4.57
CA GLN A 194 -17.20 5.48 4.19
C GLN A 194 -16.61 6.89 4.15
N LYS A 195 -17.43 7.93 3.96
CA LYS A 195 -17.00 9.34 3.80
C LYS A 195 -16.28 9.82 5.07
N CYS A 196 -14.98 10.16 4.94
CA CYS A 196 -14.09 10.58 6.05
C CYS A 196 -13.23 11.76 5.63
N PRO A 197 -13.64 13.02 5.93
CA PRO A 197 -12.82 14.19 5.64
C PRO A 197 -11.59 14.33 6.56
N LEU A 198 -10.45 14.73 5.99
CA LEU A 198 -9.21 15.06 6.74
C LEU A 198 -9.24 16.53 7.16
N TYR A 199 -8.45 16.87 8.19
CA TYR A 199 -8.28 18.25 8.73
C TYR A 199 -6.84 18.40 9.20
N GLU A 200 -6.07 19.27 8.53
CA GLU A 200 -4.60 19.42 8.76
C GLU A 200 -4.37 20.05 10.13
N ALA A 201 -3.10 20.13 10.56
CA ALA A 201 -2.65 20.63 11.89
C ALA A 201 -3.47 21.85 12.32
N ASN A 202 -3.76 22.77 11.38
CA ASN A 202 -4.41 24.08 11.64
C ASN A 202 -5.92 23.90 11.93
N GLY A 203 -6.58 22.96 11.24
CA GLY A 203 -8.02 22.71 11.35
C GLY A 203 -8.76 22.93 10.04
N GLN A 204 -8.03 23.12 8.93
CA GLN A 204 -8.58 23.37 7.58
C GLN A 204 -8.61 22.05 6.79
N ALA A 205 -9.79 21.65 6.31
CA ALA A 205 -9.99 20.45 5.45
C ALA A 205 -8.97 20.46 4.31
N VAL A 206 -8.36 19.30 4.03
CA VAL A 206 -7.48 19.12 2.83
C VAL A 206 -8.33 19.43 1.59
N PRO A 207 -7.85 20.27 0.66
CA PRO A 207 -8.57 20.51 -0.60
C PRO A 207 -8.82 19.20 -1.37
N LYS A 208 -10.05 19.01 -1.84
CA LYS A 208 -10.55 17.76 -2.48
C LYS A 208 -9.54 17.22 -3.50
N GLU A 209 -9.06 18.08 -4.41
CA GLU A 209 -8.18 17.69 -5.55
C GLU A 209 -6.89 17.05 -4.99
N LYS A 210 -6.38 17.59 -3.87
CA LYS A 210 -5.11 17.16 -3.22
C LYS A 210 -5.34 15.86 -2.44
N ASP A 211 -6.40 15.82 -1.62
CA ASP A 211 -6.81 14.63 -0.84
C ASP A 211 -6.76 13.38 -1.72
N GLU A 212 -7.42 13.43 -2.88
CA GLU A 212 -7.51 12.33 -3.87
C GLU A 212 -6.11 11.95 -4.36
N MET A 213 -5.23 12.93 -4.55
CA MET A 213 -3.85 12.76 -5.11
C MET A 213 -3.01 11.93 -4.13
N VAL A 214 -3.05 12.27 -2.84
CA VAL A 214 -2.21 11.65 -1.77
C VAL A 214 -2.72 10.22 -1.53
N GLU A 215 -4.04 10.06 -1.40
CA GLU A 215 -4.70 8.73 -1.23
C GLU A 215 -4.30 7.81 -2.39
N GLN A 216 -4.36 8.30 -3.63
CA GLN A 216 -3.97 7.50 -4.84
C GLN A 216 -2.49 7.13 -4.73
N GLU A 217 -1.66 8.04 -4.20
CA GLU A 217 -0.19 7.82 -4.08
C GLU A 217 0.08 6.76 -2.99
N PHE A 218 -0.66 6.82 -1.87
CA PHE A 218 -0.59 5.82 -0.77
C PHE A 218 -0.84 4.41 -1.31
N ASN A 219 -1.91 4.24 -2.10
CA ASN A 219 -2.34 2.94 -2.67
C ASN A 219 -1.30 2.48 -3.69
N ARG A 220 -0.75 3.41 -4.48
CA ARG A 220 0.34 3.16 -5.46
C ARG A 220 1.59 2.68 -4.71
N LEU A 221 1.91 3.35 -3.59
CA LEU A 221 3.08 3.02 -2.73
C LEU A 221 2.93 1.62 -2.14
N LEU A 222 1.74 1.28 -1.61
CA LEU A 222 1.45 -0.08 -1.08
C LEU A 222 1.63 -1.10 -2.21
N GLU A 223 0.87 -0.95 -3.29
CA GLU A 223 0.94 -1.80 -4.51
C GLU A 223 2.42 -2.05 -4.85
N ALA A 224 3.26 -1.01 -4.74
CA ALA A 224 4.70 -1.04 -5.05
C ALA A 224 5.45 -1.97 -4.10
N THR A 225 5.19 -1.89 -2.79
CA THR A 225 5.84 -2.75 -1.76
C THR A 225 5.53 -4.22 -2.08
N SER A 226 4.30 -4.50 -2.53
CA SER A 226 3.85 -5.86 -2.94
C SER A 226 4.69 -6.34 -4.14
N TYR A 227 4.85 -5.47 -5.15
CA TYR A 227 5.70 -5.71 -6.34
C TYR A 227 7.14 -5.96 -5.89
N LEU A 228 7.65 -5.09 -5.02
CA LEU A 228 9.02 -5.19 -4.43
C LEU A 228 9.18 -6.57 -3.79
N SER A 229 8.14 -7.06 -3.11
CA SER A 229 8.13 -8.34 -2.35
C SER A 229 8.07 -9.53 -3.32
N HIS A 230 6.97 -9.66 -4.07
CA HIS A 230 6.59 -10.89 -4.81
C HIS A 230 7.40 -11.03 -6.12
N GLN A 231 7.69 -9.92 -6.79
CA GLN A 231 8.32 -9.91 -8.15
C GLN A 231 9.85 -9.79 -8.02
N LEU A 232 10.34 -8.83 -7.22
CA LEU A 232 11.79 -8.53 -7.07
C LEU A 232 12.41 -9.35 -5.94
N ASP A 233 11.58 -10.02 -5.11
CA ASP A 233 12.03 -10.94 -4.02
C ASP A 233 12.89 -10.16 -3.01
N PHE A 234 12.50 -8.92 -2.70
CA PHE A 234 13.19 -8.03 -1.74
C PHE A 234 12.62 -8.29 -0.33
N ASN A 235 12.95 -9.45 0.24
CA ASN A 235 12.32 -9.97 1.49
C ASN A 235 13.36 -10.23 2.59
N VAL A 236 14.66 -10.18 2.28
CA VAL A 236 15.77 -10.23 3.28
C VAL A 236 16.76 -9.10 2.97
N LEU A 237 17.32 -8.48 4.01
CA LEU A 237 18.33 -7.40 3.89
C LEU A 237 19.22 -7.40 5.14
N ASN A 238 20.47 -7.87 4.98
CA ASN A 238 21.49 -7.99 6.07
C ASN A 238 21.07 -9.09 7.04
N ASN A 239 20.53 -10.19 6.52
CA ASN A 239 20.04 -11.38 7.28
C ASN A 239 18.65 -11.11 7.86
N LYS A 240 18.41 -9.90 8.39
CA LYS A 240 17.11 -9.46 8.95
C LYS A 240 16.03 -9.50 7.87
N PRO A 241 14.78 -9.91 8.22
CA PRO A 241 13.67 -9.85 7.27
C PRO A 241 13.22 -8.41 7.05
N VAL A 242 12.74 -8.11 5.84
CA VAL A 242 12.35 -6.73 5.43
C VAL A 242 10.98 -6.39 6.02
N SER A 243 10.91 -5.26 6.70
CA SER A 243 9.67 -4.65 7.25
C SER A 243 8.86 -4.02 6.11
N LEU A 244 7.55 -3.82 6.31
CA LEU A 244 6.70 -3.05 5.37
C LEU A 244 7.19 -1.60 5.33
N GLY A 245 7.48 -1.02 6.50
CA GLY A 245 8.02 0.35 6.67
C GLY A 245 9.29 0.55 5.86
N GLN A 246 10.25 -0.37 5.96
CA GLN A 246 11.52 -0.35 5.18
C GLN A 246 11.20 -0.27 3.68
N ALA A 247 10.36 -1.18 3.20
CA ALA A 247 9.93 -1.27 1.77
C ALA A 247 9.33 0.06 1.32
N LEU A 248 8.48 0.67 2.15
CA LEU A 248 7.83 1.99 1.85
C LEU A 248 8.91 3.07 1.75
N GLU A 249 9.85 3.10 2.70
CA GLU A 249 11.03 4.02 2.68
C GLU A 249 11.77 3.85 1.36
N VAL A 250 12.14 2.61 1.03
CA VAL A 250 12.89 2.25 -0.20
C VAL A 250 12.11 2.70 -1.44
N VAL A 251 10.80 2.45 -1.47
CA VAL A 251 9.94 2.81 -2.64
C VAL A 251 9.87 4.33 -2.76
N ILE A 252 9.70 5.06 -1.64
CA ILE A 252 9.63 6.55 -1.62
C ILE A 252 10.96 7.11 -2.15
N GLN A 253 12.09 6.62 -1.64
CA GLN A 253 13.45 7.07 -2.02
C GLN A 253 13.65 6.91 -3.54
N LEU A 254 13.20 5.77 -4.10
CA LEU A 254 13.29 5.48 -5.55
C LEU A 254 12.41 6.45 -6.35
N GLN A 255 11.29 6.91 -5.77
CA GLN A 255 10.37 7.89 -6.41
C GLN A 255 11.01 9.29 -6.34
N GLU A 256 11.71 9.59 -5.23
CA GLU A 256 12.47 10.86 -5.05
C GLU A 256 13.67 10.87 -6.01
N LYS A 257 14.33 9.72 -6.19
CA LYS A 257 15.47 9.56 -7.13
C LYS A 257 14.99 9.87 -8.56
N HIS A 258 13.92 9.22 -9.00
CA HIS A 258 13.34 9.38 -10.36
C HIS A 258 13.03 10.86 -10.63
N VAL A 259 12.43 11.56 -9.67
CA VAL A 259 12.10 13.01 -9.77
C VAL A 259 13.39 13.80 -10.12
N LYS A 260 14.47 13.51 -9.40
CA LYS A 260 15.81 14.14 -9.61
C LYS A 260 16.39 13.66 -10.95
N ASP A 261 16.44 12.33 -11.18
CA ASP A 261 16.89 11.72 -12.45
C ASP A 261 16.18 12.39 -13.64
N GLU A 262 14.88 12.70 -13.48
CA GLU A 262 14.01 13.29 -14.53
C GLU A 262 14.47 14.73 -14.80
N GLN A 263 14.60 15.55 -13.76
CA GLN A 263 15.09 16.95 -13.84
C GLN A 263 16.44 16.97 -14.59
N ILE A 264 17.40 16.17 -14.12
CA ILE A 264 18.77 16.07 -14.70
C ILE A 264 18.67 15.90 -16.21
N GLU A 265 17.95 14.88 -16.69
CA GLU A 265 17.82 14.53 -18.14
C GLU A 265 17.23 15.72 -18.91
N HIS A 266 16.36 16.52 -18.29
CA HIS A 266 15.68 17.69 -18.90
C HIS A 266 16.67 18.86 -19.04
N TRP A 267 17.41 19.17 -17.98
CA TRP A 267 18.46 20.24 -17.98
C TRP A 267 19.66 19.78 -18.83
N LYS A 268 19.88 18.47 -18.96
CA LYS A 268 21.00 17.87 -19.74
C LYS A 268 20.72 18.00 -21.25
N LYS A 269 19.45 18.12 -21.64
CA LYS A 269 19.06 18.30 -23.07
C LYS A 269 18.93 19.79 -23.38
N ILE A 270 18.85 20.64 -22.36
CA ILE A 270 18.87 22.14 -22.52
C ILE A 270 20.31 22.57 -22.83
N VAL A 271 21.31 22.07 -22.10
CA VAL A 271 22.74 22.41 -22.33
C VAL A 271 23.15 21.95 -23.73
N LYS A 272 22.66 20.79 -24.17
CA LYS A 272 22.97 20.22 -25.52
C LYS A 272 22.45 21.18 -26.60
N THR A 273 21.27 21.77 -26.38
CA THR A 273 20.63 22.75 -27.30
C THR A 273 21.41 24.06 -27.23
N GLN A 274 21.82 24.50 -26.04
CA GLN A 274 22.60 25.74 -25.81
C GLN A 274 24.00 25.60 -26.43
N GLU A 275 24.57 24.38 -26.42
CA GLU A 275 25.91 24.09 -26.99
C GLU A 275 25.84 23.96 -28.52
N GLU A 276 24.66 23.64 -29.06
CA GLU A 276 24.40 23.68 -30.53
C GLU A 276 24.25 25.15 -30.96
N LEU A 277 23.53 25.95 -30.18
CA LEU A 277 23.29 27.40 -30.41
C LEU A 277 24.64 28.14 -30.36
N LYS A 278 25.46 27.87 -29.34
CA LYS A 278 26.82 28.45 -29.17
C LYS A 278 27.67 28.17 -30.41
N GLU A 279 27.68 26.94 -30.90
CA GLU A 279 28.49 26.50 -32.06
C GLU A 279 27.96 27.14 -33.36
N LEU A 280 26.66 27.44 -33.41
CA LEU A 280 26.00 28.08 -34.58
C LEU A 280 26.30 29.59 -34.56
N LEU A 281 26.09 30.25 -33.43
CA LEU A 281 26.33 31.71 -33.25
C LEU A 281 27.79 32.04 -33.60
N ASN A 282 28.75 31.21 -33.15
CA ASN A 282 30.19 31.36 -33.47
C ASN A 282 30.39 31.31 -35.00
N LYS A 283 29.74 30.36 -35.67
CA LYS A 283 29.79 30.18 -37.14
C LYS A 283 29.17 31.41 -37.82
N MET A 284 28.15 32.02 -37.21
CA MET A 284 27.41 33.20 -37.73
C MET A 284 28.22 34.48 -37.53
N VAL A 285 28.97 34.59 -36.42
CA VAL A 285 29.81 35.77 -36.09
C VAL A 285 31.01 35.80 -37.05
N ASN A 286 31.67 34.66 -37.26
CA ASN A 286 32.82 34.50 -38.19
C ASN A 286 32.37 34.77 -39.63
N LEU A 287 31.14 34.41 -39.97
CA LEU A 287 30.58 34.59 -41.35
C LEU A 287 30.21 36.07 -41.56
N LYS A 288 29.73 36.76 -40.51
CA LYS A 288 29.38 38.20 -40.58
C LYS A 288 30.65 39.01 -40.86
N GLU A 289 31.78 38.64 -40.26
CA GLU A 289 33.11 39.28 -40.45
C GLU A 289 33.57 39.08 -41.90
N LYS A 290 33.47 37.85 -42.43
CA LYS A 290 33.86 37.52 -43.82
C LYS A 290 32.96 38.26 -44.81
N ILE A 291 31.68 38.44 -44.49
CA ILE A 291 30.71 39.19 -45.33
C ILE A 291 31.08 40.68 -45.31
N LYS A 292 31.35 41.23 -44.12
CA LYS A 292 31.74 42.65 -43.90
C LYS A 292 32.99 42.97 -44.73
N GLU A 293 34.04 42.15 -44.58
CA GLU A 293 35.32 42.27 -45.33
C GLU A 293 35.06 42.22 -46.83
N LEU A 294 34.26 41.25 -47.29
CA LEU A 294 34.01 40.96 -48.74
C LEU A 294 33.10 42.04 -49.34
N HIS A 295 32.35 42.79 -48.53
CA HIS A 295 31.51 43.92 -48.98
C HIS A 295 32.42 45.12 -49.29
N GLN A 296 33.37 45.41 -48.41
CA GLN A 296 34.39 46.48 -48.59
C GLN A 296 35.15 46.21 -49.88
N GLN A 297 35.57 44.96 -50.10
CA GLN A 297 36.33 44.51 -51.30
C GLN A 297 35.49 44.77 -52.56
N TYR A 298 34.19 44.48 -52.51
CA TYR A 298 33.23 44.69 -53.63
C TYR A 298 33.09 46.19 -53.91
N LYS A 299 32.96 46.99 -52.85
CA LYS A 299 32.85 48.48 -52.95
C LYS A 299 34.09 49.02 -53.67
N GLU A 300 35.29 48.69 -53.18
CA GLU A 300 36.60 49.14 -53.75
C GLU A 300 36.69 48.75 -55.23
N ALA A 301 36.22 47.55 -55.59
CA ALA A 301 36.22 47.04 -56.98
C ALA A 301 35.24 47.85 -57.83
N SER A 302 34.07 48.20 -57.27
CA SER A 302 32.99 48.97 -57.96
C SER A 302 33.35 50.46 -58.00
N GLU A 303 34.24 50.94 -57.11
CA GLU A 303 34.75 52.34 -57.09
C GLU A 303 35.42 52.67 -58.43
N VAL A 304 36.23 51.74 -58.96
CA VAL A 304 36.88 51.81 -60.30
C VAL A 304 35.78 51.96 -61.36
N LYS A 305 35.60 53.16 -61.91
CA LYS A 305 34.49 53.48 -62.85
C LYS A 305 34.82 52.94 -64.24
N PRO A 306 33.80 52.60 -65.06
CA PRO A 306 34.02 52.21 -66.45
C PRO A 306 34.57 53.39 -67.26
N PRO A 307 35.20 53.12 -68.42
CA PRO A 307 35.37 51.76 -68.93
C PRO A 307 36.52 51.07 -68.19
N ARG A 308 36.47 49.75 -68.06
CA ARG A 308 37.53 48.96 -67.38
C ARG A 308 37.79 47.67 -68.17
N ASP A 309 39.02 47.16 -68.11
CA ASP A 309 39.40 45.88 -68.75
C ASP A 309 38.57 44.76 -68.09
N ILE A 310 38.60 43.56 -68.67
CA ILE A 310 37.67 42.45 -68.28
C ILE A 310 38.05 41.91 -66.90
N THR A 311 39.32 41.98 -66.51
CA THR A 311 39.80 41.52 -65.17
C THR A 311 39.20 42.41 -64.08
N ALA A 312 39.14 43.73 -64.31
CA ALA A 312 38.55 44.72 -63.38
C ALA A 312 37.04 44.51 -63.29
N GLU A 313 36.41 44.13 -64.42
CA GLU A 313 34.96 43.81 -64.52
C GLU A 313 34.68 42.50 -63.77
N PHE A 314 35.50 41.48 -64.01
CA PHE A 314 35.44 40.14 -63.36
C PHE A 314 35.53 40.28 -61.84
N LEU A 315 36.44 41.14 -61.36
CA LEU A 315 36.67 41.37 -59.91
C LEU A 315 35.38 41.84 -59.25
N VAL A 316 34.62 42.73 -59.91
CA VAL A 316 33.31 43.24 -59.40
C VAL A 316 32.30 42.10 -59.39
N LYS A 317 32.26 41.31 -60.46
CA LYS A 317 31.28 40.20 -60.66
C LYS A 317 31.59 39.05 -59.71
N SER A 318 32.85 38.62 -59.62
CA SER A 318 33.30 37.49 -58.77
C SER A 318 33.00 37.81 -57.30
N LYS A 319 33.31 39.03 -56.85
CA LYS A 319 33.06 39.50 -55.46
C LYS A 319 31.55 39.59 -55.21
N HIS A 320 30.77 39.98 -56.22
CA HIS A 320 29.29 40.08 -56.15
C HIS A 320 28.68 38.71 -55.86
N ARG A 321 29.09 37.70 -56.63
CA ARG A 321 28.56 36.31 -56.53
C ARG A 321 29.05 35.69 -55.22
N ASP A 322 30.31 35.95 -54.84
CA ASP A 322 30.94 35.44 -53.59
C ASP A 322 30.18 36.00 -52.38
N LEU A 323 29.63 37.21 -52.47
CA LEU A 323 28.96 37.92 -51.34
C LEU A 323 27.51 37.44 -51.20
N THR A 324 26.82 37.15 -52.31
CA THR A 324 25.44 36.61 -52.33
C THR A 324 25.46 35.16 -51.79
N ALA A 325 26.50 34.39 -52.13
CA ALA A 325 26.73 33.02 -51.62
C ALA A 325 26.82 33.04 -50.10
N LEU A 326 27.69 33.88 -49.53
CA LEU A 326 27.93 34.00 -48.07
C LEU A 326 26.69 34.56 -47.37
N CYS A 327 25.91 35.40 -48.05
CA CYS A 327 24.64 36.00 -47.53
C CYS A 327 23.52 34.95 -47.54
N LYS A 328 23.63 33.95 -48.43
CA LYS A 328 22.70 32.79 -48.47
C LYS A 328 22.95 31.91 -47.23
N GLU A 329 24.20 31.49 -47.01
CA GLU A 329 24.64 30.69 -45.84
C GLU A 329 24.11 31.32 -44.55
N TYR A 330 24.37 32.61 -44.34
CA TYR A 330 24.02 33.36 -43.10
C TYR A 330 22.50 33.32 -42.87
N ASP A 331 21.72 33.43 -43.96
CA ASP A 331 20.24 33.39 -43.90
C ASP A 331 19.78 31.98 -43.52
N GLU A 332 20.43 30.93 -44.03
CA GLU A 332 20.17 29.51 -43.69
C GLU A 332 20.53 29.25 -42.23
N LEU A 333 21.65 29.84 -41.76
CA LEU A 333 22.10 29.74 -40.33
C LEU A 333 21.16 30.53 -39.43
N ALA A 334 20.60 31.65 -39.91
CA ALA A 334 19.64 32.50 -39.18
C ALA A 334 18.28 31.78 -39.08
N GLU A 335 17.97 30.93 -40.06
CA GLU A 335 16.78 30.02 -40.04
C GLU A 335 16.98 29.01 -38.90
N THR A 336 18.08 28.25 -38.96
CA THR A 336 18.48 27.22 -37.97
C THR A 336 18.53 27.84 -36.56
N GLN A 337 19.01 29.08 -36.41
CA GLN A 337 19.09 29.79 -35.11
C GLN A 337 17.68 29.94 -34.54
N GLY A 338 16.73 30.40 -35.36
CA GLY A 338 15.35 30.71 -34.97
C GLY A 338 14.60 29.50 -34.41
N LYS A 339 14.81 28.32 -35.00
CA LYS A 339 14.10 27.07 -34.63
C LYS A 339 14.72 26.48 -33.36
N LEU A 340 16.03 26.66 -33.15
CA LEU A 340 16.73 26.25 -31.90
C LEU A 340 16.28 27.15 -30.73
N GLU A 341 16.08 28.45 -30.99
CA GLU A 341 15.61 29.42 -29.98
C GLU A 341 14.17 29.12 -29.58
N GLU A 342 13.39 28.53 -30.49
CA GLU A 342 11.98 28.10 -30.24
C GLU A 342 11.98 26.82 -29.40
N LYS A 343 12.79 25.83 -29.80
CA LYS A 343 12.98 24.55 -29.06
C LYS A 343 13.41 24.84 -27.62
N LEU A 344 14.31 25.80 -27.44
CA LEU A 344 14.90 26.18 -26.11
C LEU A 344 13.84 26.85 -25.23
N GLN A 345 12.88 27.55 -25.83
CA GLN A 345 11.77 28.26 -25.13
C GLN A 345 10.69 27.24 -24.71
N GLU A 346 10.56 26.15 -25.45
CA GLU A 346 9.58 25.05 -25.20
C GLU A 346 10.04 24.21 -24.01
N LEU A 347 11.36 23.98 -23.87
CA LEU A 347 11.97 23.23 -22.75
C LEU A 347 11.87 24.04 -21.45
N GLU A 348 12.00 25.37 -21.54
CA GLU A 348 11.86 26.28 -20.37
C GLU A 348 10.39 26.35 -19.95
N ALA A 349 9.47 26.10 -20.88
CA ALA A 349 8.00 26.19 -20.70
C ALA A 349 7.46 24.92 -20.01
N ASN A 350 8.00 23.74 -20.36
CA ASN A 350 7.55 22.42 -19.85
C ASN A 350 8.64 21.77 -19.00
N PRO A 351 8.96 22.31 -17.80
CA PRO A 351 9.91 21.66 -16.88
C PRO A 351 9.24 20.47 -16.18
N PRO A 352 9.99 19.38 -15.88
CA PRO A 352 9.43 18.23 -15.17
C PRO A 352 9.24 18.54 -13.67
N SER A 353 8.56 17.64 -12.96
CA SER A 353 8.14 17.80 -11.54
C SER A 353 9.31 18.27 -10.68
N ASP A 354 9.07 19.27 -9.83
CA ASP A 354 10.07 19.93 -8.95
C ASP A 354 10.46 18.98 -7.81
N VAL A 355 9.46 18.41 -7.13
CA VAL A 355 9.61 17.54 -5.93
C VAL A 355 8.65 16.34 -6.07
N TYR A 356 8.93 15.22 -5.38
CA TYR A 356 8.05 14.02 -5.36
C TYR A 356 6.80 14.32 -4.52
N LEU A 357 6.99 14.78 -3.27
CA LEU A 357 5.92 15.19 -2.33
C LEU A 357 6.40 16.38 -1.50
N SER A 358 5.56 17.40 -1.36
CA SER A 358 5.80 18.60 -0.51
C SER A 358 5.71 18.21 0.97
N SER A 359 6.01 19.15 1.86
CA SER A 359 5.95 18.97 3.34
C SER A 359 4.52 18.66 3.78
N ARG A 360 3.53 19.33 3.19
CA ARG A 360 2.08 19.10 3.44
C ARG A 360 1.68 17.72 2.92
N ASP A 361 2.08 17.39 1.69
CA ASP A 361 1.80 16.08 1.04
C ASP A 361 2.29 14.95 1.95
N ARG A 362 3.51 15.07 2.48
CA ARG A 362 4.18 14.04 3.32
C ARG A 362 3.43 13.90 4.65
N GLN A 363 2.83 14.98 5.16
CA GLN A 363 2.01 15.00 6.40
C GLN A 363 0.69 14.27 6.16
N ILE A 364 0.03 14.52 5.01
CA ILE A 364 -1.27 13.90 4.63
C ILE A 364 -1.02 12.40 4.34
N LEU A 365 0.10 12.08 3.69
CA LEU A 365 0.53 10.68 3.42
C LEU A 365 0.77 9.95 4.76
N ASP A 366 1.31 10.66 5.76
CA ASP A 366 1.61 10.11 7.11
C ASP A 366 0.30 9.72 7.81
N TRP A 367 -0.81 10.39 7.50
CA TRP A 367 -2.15 10.04 8.04
C TRP A 367 -2.59 8.69 7.47
N HIS A 368 -2.35 8.45 6.18
CA HIS A 368 -2.71 7.18 5.49
C HIS A 368 -1.86 6.04 6.06
N PHE A 369 -0.61 6.33 6.45
CA PHE A 369 0.29 5.34 7.13
C PHE A 369 -0.24 5.08 8.55
N ALA A 370 -0.72 6.13 9.23
CA ALA A 370 -1.32 6.04 10.58
C ALA A 370 -2.56 5.14 10.53
N ASN A 371 -3.39 5.31 9.50
CA ASN A 371 -4.57 4.45 9.21
C ASN A 371 -4.12 3.00 9.11
N LEU A 372 -3.02 2.74 8.40
CA LEU A 372 -2.44 1.37 8.22
C LEU A 372 -1.84 0.88 9.54
N GLU A 373 -1.26 1.78 10.34
CA GLU A 373 -0.68 1.45 11.68
C GLU A 373 -1.80 1.16 12.68
N PHE A 374 -2.96 1.79 12.48
CA PHE A 374 -4.19 1.55 13.28
C PHE A 374 -4.71 0.15 12.96
N ALA A 375 -4.88 -0.14 11.67
CA ALA A 375 -5.45 -1.40 11.14
C ALA A 375 -4.66 -2.60 11.66
N ASN A 376 -3.33 -2.51 11.67
CA ASN A 376 -2.43 -3.61 12.10
C ASN A 376 -2.03 -3.43 13.57
N ALA A 377 -2.45 -2.33 14.20
CA ALA A 377 -2.19 -2.00 15.62
C ALA A 377 -0.69 -2.12 15.93
N THR A 378 0.18 -1.56 15.08
CA THR A 378 1.65 -1.64 15.23
C THR A 378 2.32 -0.67 14.27
N PRO A 379 3.50 -0.13 14.63
CA PRO A 379 4.34 0.60 13.66
C PRO A 379 4.68 -0.25 12.43
N LEU A 380 4.65 0.38 11.24
CA LEU A 380 4.86 -0.31 9.94
C LEU A 380 6.26 -0.94 9.89
N SER A 381 7.17 -0.54 10.80
CA SER A 381 8.56 -1.05 10.88
C SER A 381 8.58 -2.47 11.47
N THR A 382 7.48 -2.91 12.09
CA THR A 382 7.35 -4.23 12.76
C THR A 382 6.68 -5.24 11.82
N LEU A 383 5.77 -4.78 10.96
CA LEU A 383 4.98 -5.65 10.04
C LEU A 383 5.90 -6.36 9.05
N SER A 384 5.72 -7.67 8.87
CA SER A 384 6.32 -8.46 7.77
C SER A 384 5.81 -7.91 6.44
N LEU A 385 6.72 -7.49 5.56
CA LEU A 385 6.38 -7.04 4.19
C LEU A 385 5.61 -8.15 3.47
N LYS A 386 6.13 -9.37 3.49
CA LYS A 386 5.63 -10.50 2.66
C LYS A 386 4.23 -10.93 3.12
N HIS A 387 3.98 -10.97 4.44
CA HIS A 387 2.86 -11.74 5.05
C HIS A 387 1.87 -10.85 5.85
N TRP A 388 2.06 -9.52 5.91
CA TRP A 388 1.19 -8.63 6.73
C TRP A 388 -0.27 -8.76 6.28
N ASP A 389 -0.52 -9.09 5.01
CA ASP A 389 -1.85 -9.08 4.36
C ASP A 389 -2.24 -10.51 3.98
N GLN A 390 -1.67 -11.52 4.65
CA GLN A 390 -1.80 -12.97 4.30
C GLN A 390 -3.25 -13.44 4.44
N ASP A 391 -4.10 -12.72 5.17
CA ASP A 391 -5.52 -13.10 5.43
C ASP A 391 -6.47 -12.41 4.44
N ASP A 392 -5.95 -11.69 3.43
CA ASP A 392 -6.75 -10.85 2.50
C ASP A 392 -7.81 -11.67 1.76
N ASP A 393 -7.48 -12.91 1.38
CA ASP A 393 -8.35 -13.78 0.54
C ASP A 393 -9.62 -14.20 1.30
N PHE A 394 -9.61 -14.15 2.64
CA PHE A 394 -10.70 -14.69 3.50
C PHE A 394 -11.55 -13.54 4.07
N GLU A 395 -11.25 -12.30 3.68
CA GLU A 395 -12.00 -11.11 4.13
C GLU A 395 -13.47 -11.27 3.73
N PHE A 396 -14.39 -10.82 4.58
CA PHE A 396 -15.85 -10.91 4.32
C PHE A 396 -16.26 -9.83 3.32
N THR A 397 -17.43 -10.01 2.70
CA THR A 397 -18.07 -9.05 1.76
C THR A 397 -19.19 -8.31 2.49
N GLY A 398 -19.54 -7.11 2.01
CA GLY A 398 -20.62 -6.29 2.57
C GLY A 398 -20.10 -5.12 3.40
N SER A 399 -20.98 -4.20 3.77
CA SER A 399 -20.65 -2.94 4.47
C SER A 399 -20.23 -3.25 5.92
N HIS A 400 -19.20 -2.56 6.40
CA HIS A 400 -18.76 -2.60 7.83
C HIS A 400 -19.87 -1.98 8.69
N LEU A 401 -20.10 -2.55 9.88
CA LEU A 401 -21.20 -2.20 10.81
C LEU A 401 -20.59 -1.91 12.18
N THR A 402 -21.29 -1.15 13.03
CA THR A 402 -20.97 -0.98 14.47
C THR A 402 -22.13 -1.54 15.29
N VAL A 403 -21.92 -1.74 16.59
CA VAL A 403 -22.97 -2.17 17.56
C VAL A 403 -23.37 -0.94 18.37
N ARG A 404 -24.61 -0.49 18.22
CA ARG A 404 -25.18 0.69 18.95
C ARG A 404 -25.34 0.33 20.43
N ASN A 405 -25.74 -0.91 20.74
CA ASN A 405 -25.91 -1.44 22.12
C ASN A 405 -24.56 -1.50 22.82
N GLY A 406 -23.46 -1.59 22.06
CA GLY A 406 -22.12 -1.98 22.56
C GLY A 406 -21.89 -3.46 22.34
N TYR A 407 -20.66 -3.85 21.98
CA TYR A 407 -20.30 -5.23 21.56
C TYR A 407 -20.42 -6.18 22.77
N SER A 408 -20.32 -5.67 24.00
CA SER A 408 -20.40 -6.45 25.28
C SER A 408 -21.69 -7.28 25.31
N CYS A 409 -22.75 -6.82 24.64
CA CYS A 409 -24.05 -7.54 24.56
C CYS A 409 -23.85 -8.98 24.08
N VAL A 410 -22.80 -9.23 23.27
CA VAL A 410 -22.49 -10.57 22.66
C VAL A 410 -21.92 -11.52 23.71
N PRO A 411 -20.74 -11.26 24.31
CA PRO A 411 -20.17 -12.17 25.30
C PRO A 411 -21.14 -12.41 26.47
N VAL A 412 -21.79 -11.36 26.97
CA VAL A 412 -22.78 -11.46 28.10
C VAL A 412 -23.85 -12.49 27.70
N ALA A 413 -24.35 -12.41 26.48
CA ALA A 413 -25.33 -13.36 25.92
C ALA A 413 -24.74 -14.78 25.93
N LEU A 414 -23.48 -14.92 25.50
CA LEU A 414 -22.77 -16.22 25.40
C LEU A 414 -22.49 -16.77 26.82
N ALA A 415 -22.32 -15.89 27.80
CA ALA A 415 -21.94 -16.23 29.20
C ALA A 415 -23.11 -16.88 29.96
N GLU A 416 -24.35 -16.75 29.47
CA GLU A 416 -25.56 -17.26 30.16
C GLU A 416 -25.49 -18.79 30.22
N GLY A 417 -25.73 -19.37 31.40
CA GLY A 417 -25.82 -20.81 31.65
C GLY A 417 -24.46 -21.48 31.78
N LEU A 418 -23.40 -20.70 32.00
CA LEU A 418 -21.99 -21.18 32.03
C LEU A 418 -21.40 -20.97 33.43
N ASP A 419 -20.60 -21.93 33.89
CA ASP A 419 -19.88 -21.89 35.19
C ASP A 419 -18.63 -21.02 35.02
N ILE A 420 -18.76 -19.71 35.28
CA ILE A 420 -17.66 -18.73 35.12
C ILE A 420 -17.21 -18.26 36.51
N LYS A 421 -15.96 -18.56 36.87
CA LYS A 421 -15.27 -18.02 38.08
C LYS A 421 -14.56 -16.71 37.70
N LEU A 422 -15.16 -15.55 38.02
CA LEU A 422 -14.54 -14.20 37.82
C LEU A 422 -13.57 -13.91 38.96
N ASN A 423 -12.68 -12.94 38.78
CA ASN A 423 -11.67 -12.54 39.80
C ASN A 423 -10.78 -13.73 40.15
N THR A 424 -10.50 -14.59 39.16
CA THR A 424 -9.74 -15.86 39.28
C THR A 424 -8.60 -15.84 38.27
N ALA A 425 -7.42 -15.40 38.69
CA ALA A 425 -6.20 -15.26 37.86
C ALA A 425 -5.41 -16.58 37.89
N VAL A 426 -5.41 -17.32 36.78
CA VAL A 426 -4.56 -18.53 36.60
C VAL A 426 -3.10 -18.11 36.77
N ARG A 427 -2.34 -18.88 37.56
CA ARG A 427 -0.91 -18.61 37.88
C ARG A 427 -0.03 -19.71 37.28
N GLN A 428 -0.49 -20.96 37.31
CA GLN A 428 0.28 -22.14 36.87
C GLN A 428 -0.66 -23.17 36.23
N VAL A 429 -0.26 -23.74 35.09
CA VAL A 429 -1.00 -24.80 34.35
C VAL A 429 -0.13 -26.06 34.34
N ARG A 430 -0.60 -27.13 35.01
CA ARG A 430 0.09 -28.43 35.11
C ARG A 430 -0.64 -29.45 34.24
N TYR A 431 0.08 -30.16 33.37
CA TYR A 431 -0.47 -31.15 32.41
C TYR A 431 0.43 -32.39 32.41
N THR A 432 -0.19 -33.56 32.60
CA THR A 432 0.49 -34.89 32.67
C THR A 432 -0.37 -35.92 31.93
N ALA A 433 0.13 -37.16 31.83
CA ALA A 433 -0.53 -38.29 31.14
C ALA A 433 -1.87 -38.62 31.79
N SER A 434 -2.01 -38.41 33.11
CA SER A 434 -3.21 -38.80 33.90
C SER A 434 -4.26 -37.69 33.86
N GLY A 435 -3.84 -36.45 33.55
CA GLY A 435 -4.73 -35.26 33.50
C GLY A 435 -3.99 -33.99 33.87
N CYS A 436 -4.75 -32.91 34.15
CA CYS A 436 -4.22 -31.55 34.40
C CYS A 436 -4.71 -31.04 35.76
N GLU A 437 -3.97 -30.11 36.35
CA GLU A 437 -4.47 -29.22 37.44
C GLU A 437 -4.04 -27.78 37.15
N VAL A 438 -5.00 -26.85 37.27
CA VAL A 438 -4.82 -25.39 37.04
C VAL A 438 -4.82 -24.72 38.42
N ILE A 439 -3.77 -23.96 38.72
CA ILE A 439 -3.59 -23.22 40.01
C ILE A 439 -3.88 -21.73 39.75
N ALA A 440 -5.00 -21.23 40.29
CA ALA A 440 -5.41 -19.80 40.22
C ALA A 440 -5.44 -19.20 41.62
N VAL A 441 -5.59 -17.88 41.71
CA VAL A 441 -5.73 -17.11 42.98
C VAL A 441 -6.86 -16.10 42.81
N ASN A 442 -7.43 -15.64 43.92
CA ASN A 442 -8.39 -14.50 43.96
C ASN A 442 -7.60 -13.21 43.69
N THR A 443 -8.05 -12.37 42.75
CA THR A 443 -7.34 -11.15 42.30
C THR A 443 -7.36 -10.10 43.41
N ARG A 444 -8.37 -10.16 44.28
CA ARG A 444 -8.60 -9.19 45.39
C ARG A 444 -7.65 -9.54 46.55
N SER A 445 -7.83 -10.71 47.18
CA SER A 445 -6.85 -11.31 48.14
C SER A 445 -6.04 -12.40 47.42
N THR A 446 -4.79 -12.08 47.05
CA THR A 446 -3.93 -12.88 46.13
C THR A 446 -3.45 -14.17 46.80
N SER A 447 -3.73 -14.36 48.11
CA SER A 447 -3.26 -15.51 48.93
C SER A 447 -4.29 -16.65 48.90
N GLN A 448 -5.58 -16.32 48.78
CA GLN A 448 -6.68 -17.30 48.53
C GLN A 448 -6.36 -18.09 47.26
N THR A 449 -5.90 -19.33 47.40
CA THR A 449 -5.41 -20.19 46.28
C THR A 449 -6.47 -21.23 45.91
N PHE A 450 -6.64 -21.48 44.61
CA PHE A 450 -7.60 -22.44 44.04
C PHE A 450 -6.87 -23.46 43.16
N ILE A 451 -7.31 -24.72 43.24
CA ILE A 451 -6.80 -25.87 42.44
C ILE A 451 -7.99 -26.46 41.70
N TYR A 452 -7.92 -26.52 40.36
CA TYR A 452 -8.95 -27.14 39.50
C TYR A 452 -8.33 -28.35 38.79
N LYS A 453 -8.85 -29.55 39.05
CA LYS A 453 -8.42 -30.81 38.36
C LYS A 453 -9.33 -30.99 37.13
N CYS A 454 -8.75 -31.31 35.97
CA CYS A 454 -9.48 -31.50 34.69
C CYS A 454 -8.76 -32.51 33.78
N ASP A 455 -9.51 -33.12 32.87
CA ASP A 455 -9.01 -34.01 31.79
C ASP A 455 -8.22 -33.19 30.76
N ALA A 456 -8.62 -31.94 30.52
CA ALA A 456 -8.02 -31.04 29.50
C ALA A 456 -8.12 -29.58 29.94
N VAL A 457 -7.16 -28.77 29.49
CA VAL A 457 -7.12 -27.28 29.68
C VAL A 457 -7.17 -26.64 28.29
N LEU A 458 -8.08 -25.67 28.10
CA LEU A 458 -8.16 -24.80 26.90
C LEU A 458 -7.62 -23.42 27.29
N CYS A 459 -6.48 -23.04 26.72
CA CYS A 459 -5.78 -21.74 26.94
C CYS A 459 -6.24 -20.71 25.89
N THR A 460 -7.01 -19.70 26.30
CA THR A 460 -7.41 -18.55 25.44
C THR A 460 -6.65 -17.29 25.87
N LEU A 461 -5.61 -17.44 26.69
CA LEU A 461 -4.73 -16.32 27.13
C LEU A 461 -4.23 -15.57 25.89
N PRO A 462 -4.33 -14.22 25.89
CA PRO A 462 -3.86 -13.42 24.76
C PRO A 462 -2.36 -13.61 24.51
N LEU A 463 -1.91 -13.41 23.26
CA LEU A 463 -0.49 -13.56 22.86
C LEU A 463 0.37 -12.65 23.75
N GLY A 464 -0.11 -11.44 24.06
CA GLY A 464 0.57 -10.48 24.96
C GLY A 464 0.89 -11.10 26.31
N VAL A 465 -0.07 -11.84 26.88
CA VAL A 465 0.08 -12.54 28.19
C VAL A 465 1.10 -13.67 28.04
N LEU A 466 1.00 -14.45 26.95
CA LEU A 466 1.92 -15.60 26.69
C LEU A 466 3.35 -15.09 26.48
N LYS A 467 3.49 -13.88 25.95
CA LYS A 467 4.81 -13.24 25.66
C LYS A 467 5.44 -12.74 26.96
N GLN A 468 4.61 -12.29 27.91
CA GLN A 468 5.03 -11.59 29.15
C GLN A 468 6.28 -12.25 29.74
N GLN A 469 7.37 -11.49 29.91
CA GLN A 469 8.64 -11.93 30.53
C GLN A 469 8.98 -10.98 31.68
N PRO A 470 9.01 -11.45 32.95
CA PRO A 470 8.87 -12.88 33.27
C PRO A 470 7.41 -13.35 33.26
N PRO A 471 7.16 -14.68 33.12
CA PRO A 471 5.82 -15.20 32.88
C PRO A 471 4.76 -14.86 33.95
N ALA A 472 3.57 -14.43 33.52
CA ALA A 472 2.37 -14.27 34.38
C ALA A 472 1.75 -15.64 34.67
N VAL A 473 1.91 -16.59 33.75
CA VAL A 473 1.42 -17.99 33.88
C VAL A 473 2.59 -18.95 33.59
N GLN A 474 2.86 -19.85 34.53
CA GLN A 474 3.92 -20.89 34.42
C GLN A 474 3.28 -22.18 33.91
N PHE A 475 3.89 -22.80 32.90
CA PHE A 475 3.46 -24.11 32.34
C PHE A 475 4.42 -25.19 32.89
N VAL A 476 3.85 -26.26 33.45
CA VAL A 476 4.62 -27.39 34.04
C VAL A 476 4.09 -28.70 33.44
N PRO A 477 4.86 -29.39 32.57
CA PRO A 477 6.20 -28.95 32.18
C PRO A 477 6.18 -27.74 31.24
N PRO A 478 7.32 -27.05 31.02
CA PRO A 478 7.35 -25.87 30.17
C PRO A 478 6.92 -26.22 28.74
N LEU A 479 6.27 -25.28 28.07
CA LEU A 479 5.86 -25.41 26.64
C LEU A 479 7.10 -25.74 25.82
N PRO A 480 7.01 -26.61 24.80
CA PRO A 480 8.17 -26.95 23.97
C PRO A 480 8.70 -25.76 23.16
N GLU A 481 9.95 -25.84 22.73
CA GLU A 481 10.67 -24.76 22.00
C GLU A 481 9.83 -24.29 20.80
N TRP A 482 9.18 -25.21 20.09
CA TRP A 482 8.42 -24.88 18.84
C TRP A 482 7.23 -23.97 19.17
N LYS A 483 6.62 -24.11 20.36
CA LYS A 483 5.51 -23.24 20.81
C LYS A 483 6.08 -21.88 21.23
N THR A 484 7.12 -21.85 22.07
CA THR A 484 7.67 -20.62 22.70
C THR A 484 8.30 -19.74 21.61
N SER A 485 8.98 -20.35 20.63
CA SER A 485 9.61 -19.68 19.46
C SER A 485 8.54 -18.96 18.64
N ALA A 486 7.41 -19.61 18.39
CA ALA A 486 6.23 -19.04 17.70
C ALA A 486 5.72 -17.82 18.48
N VAL A 487 5.62 -17.94 19.80
CA VAL A 487 5.13 -16.85 20.70
C VAL A 487 6.08 -15.65 20.58
N GLN A 488 7.38 -15.90 20.62
CA GLN A 488 8.44 -14.87 20.53
C GLN A 488 8.36 -14.18 19.16
N ARG A 489 8.29 -14.95 18.07
CA ARG A 489 8.32 -14.47 16.66
C ARG A 489 7.11 -13.57 16.38
N MET A 490 5.92 -14.01 16.79
CA MET A 490 4.63 -13.38 16.42
C MET A 490 4.55 -11.98 17.02
N GLY A 491 3.86 -11.07 16.33
CA GLY A 491 3.67 -9.68 16.76
C GLY A 491 2.40 -9.54 17.57
N PHE A 492 2.46 -8.83 18.70
CA PHE A 492 1.26 -8.43 19.48
C PHE A 492 1.27 -6.91 19.60
N GLY A 493 0.31 -6.28 18.92
CA GLY A 493 0.27 -4.82 18.73
C GLY A 493 -0.42 -4.11 19.86
N ASN A 494 -0.67 -2.81 19.67
CA ASN A 494 -1.30 -1.88 20.64
C ASN A 494 -2.08 -0.83 19.85
N LEU A 495 -3.22 -0.41 20.39
CA LEU A 495 -4.16 0.57 19.78
C LEU A 495 -5.12 1.01 20.87
N ASN A 496 -5.18 2.30 21.18
CA ASN A 496 -5.97 2.83 22.32
C ASN A 496 -7.10 3.73 21.79
N LYS A 497 -8.09 3.98 22.65
CA LYS A 497 -9.32 4.75 22.32
C LYS A 497 -9.56 5.78 23.44
N VAL A 498 -9.89 7.02 23.05
CA VAL A 498 -10.30 8.11 23.97
C VAL A 498 -11.79 8.36 23.74
N VAL A 499 -12.62 8.13 24.76
CA VAL A 499 -14.10 8.29 24.70
C VAL A 499 -14.44 9.67 25.27
N LEU A 500 -15.06 10.53 24.45
CA LEU A 500 -15.44 11.93 24.78
C LEU A 500 -16.98 12.04 24.74
N CYS A 501 -17.61 12.16 25.91
CA CYS A 501 -19.08 12.25 26.08
C CYS A 501 -19.49 13.71 26.31
N PHE A 502 -20.38 14.23 25.45
CA PHE A 502 -20.84 15.65 25.44
C PHE A 502 -22.37 15.69 25.62
N ASP A 503 -22.90 16.89 25.87
CA ASP A 503 -24.35 17.17 26.10
C ASP A 503 -25.03 17.55 24.78
N ARG A 504 -24.26 18.01 23.77
CA ARG A 504 -24.79 18.40 22.44
C ARG A 504 -23.78 18.05 21.34
N VAL A 505 -24.30 17.67 20.16
CA VAL A 505 -23.53 17.32 18.94
C VAL A 505 -23.09 18.62 18.23
N PHE A 506 -21.78 18.91 18.23
CA PHE A 506 -21.18 20.06 17.50
C PHE A 506 -20.54 19.59 16.19
N TRP A 507 -20.50 18.28 15.94
CA TRP A 507 -19.93 17.68 14.71
C TRP A 507 -21.05 17.46 13.69
N ASP A 508 -20.69 17.10 12.46
CA ASP A 508 -21.63 16.79 11.35
C ASP A 508 -22.21 15.40 11.57
N PRO A 509 -23.53 15.27 11.90
CA PRO A 509 -24.13 13.96 12.14
C PRO A 509 -24.07 12.96 10.97
N SER A 510 -24.01 13.45 9.73
CA SER A 510 -24.03 12.62 8.49
C SER A 510 -22.67 11.94 8.27
N VAL A 511 -21.59 12.51 8.81
CA VAL A 511 -20.20 11.97 8.73
C VAL A 511 -19.94 11.14 10.00
N ASN A 512 -19.65 9.85 9.84
CA ASN A 512 -19.44 8.88 10.95
C ASN A 512 -18.05 9.03 11.55
N LEU A 513 -17.07 9.48 10.75
CA LEU A 513 -15.64 9.53 11.14
C LEU A 513 -14.90 10.58 10.31
N PHE A 514 -13.97 11.30 10.94
CA PHE A 514 -13.16 12.38 10.32
C PHE A 514 -11.73 12.31 10.86
N GLY A 515 -10.75 12.40 9.97
CA GLY A 515 -9.31 12.34 10.29
C GLY A 515 -8.77 13.67 10.81
N HIS A 516 -7.62 13.63 11.48
CA HIS A 516 -6.79 14.79 11.88
C HIS A 516 -5.33 14.48 11.54
N VAL A 517 -4.67 15.34 10.75
CA VAL A 517 -3.28 15.12 10.30
C VAL A 517 -2.32 15.61 11.38
N GLY A 518 -1.34 14.79 11.74
CA GLY A 518 -0.32 15.11 12.74
C GLY A 518 0.71 16.09 12.18
N SER A 519 1.33 16.89 13.05
CA SER A 519 2.43 17.83 12.71
C SER A 519 3.58 17.07 12.05
N THR A 520 4.11 16.05 12.75
CA THR A 520 5.32 15.28 12.36
C THR A 520 4.94 13.83 12.04
N THR A 521 5.91 13.08 11.50
CA THR A 521 5.83 11.61 11.27
C THR A 521 5.72 10.89 12.61
N ALA A 522 6.53 11.29 13.58
CA ALA A 522 6.63 10.69 14.94
C ALA A 522 5.26 10.65 15.62
N SER A 523 4.40 11.64 15.38
CA SER A 523 3.10 11.82 16.08
C SER A 523 1.91 11.56 15.13
N ARG A 524 2.13 10.81 14.05
CA ARG A 524 1.09 10.65 12.98
C ARG A 524 -0.09 9.81 13.51
N GLY A 525 0.14 8.94 14.49
CA GLY A 525 -0.88 8.05 15.05
C GLY A 525 -1.69 8.72 16.16
N GLU A 526 -1.18 9.81 16.73
CA GLU A 526 -1.73 10.46 17.94
C GLU A 526 -3.04 11.17 17.61
N LEU A 527 -4.17 10.56 17.97
CA LEU A 527 -5.54 11.13 17.79
C LEU A 527 -5.75 11.45 16.30
N PHE A 528 -5.32 10.54 15.43
CA PHE A 528 -5.31 10.68 13.95
C PHE A 528 -6.74 10.56 13.39
N LEU A 529 -7.68 9.99 14.15
CA LEU A 529 -9.05 9.69 13.66
C LEU A 529 -10.07 9.79 14.81
N PHE A 530 -11.26 10.31 14.50
CA PHE A 530 -12.42 10.43 15.42
C PHE A 530 -13.61 9.66 14.84
N TRP A 531 -14.26 8.84 15.67
CA TRP A 531 -15.46 8.04 15.34
C TRP A 531 -16.67 8.65 16.06
N ASN A 532 -17.80 8.79 15.34
CA ASN A 532 -19.14 9.04 15.93
C ASN A 532 -20.07 7.97 15.34
N LEU A 533 -20.47 6.98 16.15
CA LEU A 533 -21.24 5.81 15.69
C LEU A 533 -22.40 5.50 16.65
N TYR A 534 -22.77 6.45 17.55
CA TYR A 534 -23.74 6.23 18.65
C TYR A 534 -24.82 7.32 18.63
N LYS A 535 -25.97 7.02 19.26
CA LYS A 535 -27.15 7.92 19.38
C LYS A 535 -26.76 9.14 20.23
N ALA A 536 -26.17 8.89 21.40
CA ALA A 536 -25.70 9.92 22.36
C ALA A 536 -24.57 10.74 21.73
N PRO A 537 -24.28 11.96 22.24
CA PRO A 537 -23.20 12.77 21.72
C PRO A 537 -21.84 12.28 22.27
N ILE A 538 -21.27 11.27 21.62
CA ILE A 538 -19.96 10.66 22.00
C ILE A 538 -19.04 10.67 20.77
N LEU A 539 -17.83 11.20 20.94
CA LEU A 539 -16.73 11.13 19.96
C LEU A 539 -15.62 10.24 20.50
N LEU A 540 -15.10 9.33 19.66
CA LEU A 540 -14.08 8.32 20.03
C LEU A 540 -12.82 8.57 19.21
N ALA A 541 -11.72 8.97 19.87
CA ALA A 541 -10.41 9.28 19.25
C ALA A 541 -9.48 8.07 19.36
N LEU A 542 -8.88 7.66 18.24
CA LEU A 542 -7.92 6.52 18.17
C LEU A 542 -6.48 7.02 18.34
N VAL A 543 -5.70 6.35 19.19
CA VAL A 543 -4.21 6.53 19.30
C VAL A 543 -3.53 5.29 18.72
N ALA A 544 -2.91 5.41 17.55
CA ALA A 544 -2.33 4.31 16.76
C ALA A 544 -0.81 4.47 16.66
N GLY A 545 -0.15 3.52 15.99
CA GLY A 545 1.30 3.55 15.68
C GLY A 545 2.16 3.69 16.92
N GLU A 546 3.33 4.32 16.77
CA GLU A 546 4.33 4.52 17.85
C GLU A 546 3.69 5.33 19.00
N ALA A 547 2.67 6.14 18.70
CA ALA A 547 1.98 7.04 19.66
C ALA A 547 1.32 6.23 20.79
N ALA A 548 0.71 5.09 20.46
CA ALA A 548 -0.06 4.22 21.39
C ALA A 548 0.77 3.93 22.65
N GLY A 549 1.96 3.37 22.47
CA GLY A 549 2.88 3.01 23.57
C GLY A 549 3.23 4.21 24.44
N ILE A 550 3.51 5.35 23.82
CA ILE A 550 4.02 6.58 24.50
C ILE A 550 2.88 7.30 25.22
N MET A 551 1.68 7.32 24.63
CA MET A 551 0.50 8.07 25.16
C MET A 551 -0.05 7.36 26.41
N GLU A 552 0.36 6.11 26.68
CA GLU A 552 -0.09 5.33 27.86
C GLU A 552 0.59 5.85 29.14
N ASN A 553 1.74 6.52 29.00
CA ASN A 553 2.51 7.13 30.14
C ASN A 553 2.12 8.59 30.34
N ILE A 554 0.94 9.02 29.85
CA ILE A 554 0.45 10.42 29.91
C ILE A 554 -0.97 10.42 30.51
N SER A 555 -1.24 11.32 31.46
CA SER A 555 -2.50 11.42 32.23
C SER A 555 -3.69 11.66 31.30
N ASP A 556 -4.88 11.21 31.71
CA ASP A 556 -6.14 11.28 30.92
C ASP A 556 -6.46 12.75 30.62
N ASP A 557 -6.23 13.64 31.59
CA ASP A 557 -6.47 15.11 31.47
C ASP A 557 -5.71 15.66 30.27
N VAL A 558 -4.38 15.46 30.23
CA VAL A 558 -3.49 15.93 29.14
C VAL A 558 -4.00 15.38 27.80
N ILE A 559 -4.37 14.10 27.76
CA ILE A 559 -4.86 13.40 26.52
C ILE A 559 -6.17 14.04 26.08
N VAL A 560 -7.12 14.22 27.01
CA VAL A 560 -8.43 14.88 26.76
C VAL A 560 -8.14 16.32 26.28
N GLY A 561 -7.18 17.00 26.90
CA GLY A 561 -6.71 18.34 26.51
C GLY A 561 -6.35 18.39 25.04
N ARG A 562 -5.43 17.51 24.60
CA ARG A 562 -4.93 17.43 23.20
C ARG A 562 -6.09 17.14 22.25
N CYS A 563 -7.11 16.39 22.71
CA CYS A 563 -8.33 16.04 21.93
C CYS A 563 -9.17 17.29 21.69
N LEU A 564 -9.44 18.03 22.77
CA LEU A 564 -10.27 19.28 22.75
C LEU A 564 -9.61 20.31 21.84
N ALA A 565 -8.30 20.54 22.01
CA ALA A 565 -7.46 21.40 21.15
C ALA A 565 -7.75 21.08 19.67
N ILE A 566 -7.55 19.82 19.27
CA ILE A 566 -7.69 19.35 17.85
C ILE A 566 -9.13 19.57 17.38
N LEU A 567 -10.12 19.27 18.24
CA LEU A 567 -11.56 19.46 17.93
C LEU A 567 -11.88 20.96 17.83
N LYS A 568 -11.37 21.77 18.77
CA LYS A 568 -11.53 23.25 18.80
C LYS A 568 -11.04 23.84 17.47
N GLY A 569 -9.86 23.41 17.00
CA GLY A 569 -9.25 23.87 15.74
C GLY A 569 -10.15 23.65 14.53
N ILE A 570 -11.01 22.62 14.55
CA ILE A 570 -11.86 22.22 13.39
C ILE A 570 -13.23 22.89 13.49
N PHE A 571 -13.83 22.96 14.69
CA PHE A 571 -15.24 23.41 14.90
C PHE A 571 -15.30 24.76 15.64
N GLY A 572 -14.17 25.28 16.13
CA GLY A 572 -14.06 26.60 16.80
C GLY A 572 -14.31 26.51 18.30
N SER A 573 -13.59 27.33 19.08
CA SER A 573 -13.54 27.31 20.57
C SER A 573 -14.95 27.35 21.19
N SER A 574 -15.88 28.10 20.58
CA SER A 574 -17.26 28.30 21.09
C SER A 574 -18.06 26.99 21.04
N ALA A 575 -17.83 26.16 20.01
CA ALA A 575 -18.65 24.96 19.68
C ALA A 575 -18.26 23.75 20.54
N VAL A 576 -17.03 23.71 21.05
CA VAL A 576 -16.44 22.54 21.78
C VAL A 576 -16.56 22.78 23.29
N PRO A 577 -17.54 22.14 23.98
CA PRO A 577 -17.67 22.26 25.43
C PRO A 577 -16.69 21.31 26.13
N GLN A 578 -16.61 21.38 27.46
CA GLN A 578 -15.88 20.36 28.27
C GLN A 578 -16.69 19.07 28.26
N PRO A 579 -16.05 17.89 28.06
CA PRO A 579 -16.78 16.63 28.05
C PRO A 579 -17.31 16.27 29.46
N LYS A 580 -18.54 15.73 29.52
CA LYS A 580 -19.19 15.27 30.76
C LYS A 580 -18.41 14.09 31.36
N GLU A 581 -18.11 13.10 30.52
CA GLU A 581 -17.41 11.84 30.88
C GLU A 581 -16.28 11.60 29.87
N THR A 582 -15.08 11.25 30.37
CA THR A 582 -13.88 10.89 29.56
C THR A 582 -13.35 9.52 30.01
N VAL A 583 -12.96 8.68 29.05
CA VAL A 583 -12.32 7.34 29.28
C VAL A 583 -11.13 7.19 28.33
N VAL A 584 -10.02 6.63 28.80
CA VAL A 584 -8.78 6.40 28.01
C VAL A 584 -8.29 4.97 28.24
N SER A 585 -8.37 4.13 27.20
CA SER A 585 -7.85 2.74 27.18
C SER A 585 -6.33 2.76 27.28
N ARG A 586 -5.76 1.79 28.01
CA ARG A 586 -4.29 1.56 28.12
C ARG A 586 -4.05 0.04 28.06
N TRP A 587 -4.25 -0.54 26.86
CA TRP A 587 -4.30 -2.01 26.61
C TRP A 587 -2.93 -2.67 26.83
N ARG A 588 -1.82 -1.96 26.58
CA ARG A 588 -0.46 -2.54 26.74
C ARG A 588 -0.16 -2.70 28.23
N ALA A 589 -0.68 -1.82 29.06
CA ALA A 589 -0.48 -1.82 30.53
C ALA A 589 -1.45 -2.79 31.20
N ASP A 590 -2.60 -3.06 30.55
CA ASP A 590 -3.63 -4.02 31.04
C ASP A 590 -2.98 -5.40 31.15
N PRO A 591 -2.81 -5.95 32.39
CA PRO A 591 -2.08 -7.21 32.57
C PRO A 591 -2.83 -8.47 32.08
N TRP A 592 -4.10 -8.35 31.69
CA TRP A 592 -4.95 -9.46 31.17
C TRP A 592 -5.09 -9.36 29.65
N ALA A 593 -4.21 -8.60 29.00
CA ALA A 593 -4.19 -8.33 27.55
C ALA A 593 -2.75 -8.12 27.09
N ARG A 594 -2.05 -7.15 27.67
CA ARG A 594 -0.63 -6.80 27.37
C ARG A 594 -0.51 -6.34 25.91
N GLY A 595 -1.57 -5.70 25.39
CA GLY A 595 -1.67 -5.24 24.00
C GLY A 595 -3.09 -5.35 23.46
N SER A 596 -3.29 -5.01 22.18
CA SER A 596 -4.61 -4.89 21.51
C SER A 596 -4.94 -6.17 20.74
N TYR A 597 -4.17 -6.51 19.71
CA TYR A 597 -4.35 -7.76 18.92
C TYR A 597 -3.09 -8.07 18.09
N SER A 598 -3.03 -9.32 17.62
CA SER A 598 -1.87 -9.89 16.87
C SER A 598 -1.67 -9.12 15.56
N TYR A 599 -0.42 -9.09 15.09
CA TYR A 599 0.00 -8.66 13.73
C TYR A 599 1.06 -9.64 13.24
N VAL A 600 1.24 -9.74 11.92
CA VAL A 600 2.25 -10.64 11.29
C VAL A 600 3.59 -9.89 11.28
N ALA A 601 4.40 -10.11 12.32
CA ALA A 601 5.69 -9.42 12.53
C ALA A 601 6.68 -9.86 11.47
N ALA A 602 7.63 -8.98 11.11
CA ALA A 602 8.80 -9.32 10.27
C ALA A 602 9.48 -10.54 10.89
N GLY A 603 9.67 -11.60 10.10
CA GLY A 603 10.30 -12.86 10.56
C GLY A 603 9.26 -13.91 10.94
N SER A 604 7.99 -13.53 11.02
CA SER A 604 6.84 -14.42 11.30
C SER A 604 6.10 -14.69 9.99
N SER A 605 5.03 -15.48 10.04
CA SER A 605 4.15 -15.82 8.90
C SER A 605 2.82 -16.36 9.44
N GLY A 606 1.88 -16.68 8.55
CA GLY A 606 0.59 -17.32 8.91
C GLY A 606 0.82 -18.67 9.55
N ASN A 607 1.95 -19.30 9.24
CA ASN A 607 2.32 -20.66 9.70
C ASN A 607 2.49 -20.68 11.22
N ASP A 608 2.89 -19.57 11.84
CA ASP A 608 3.06 -19.45 13.31
C ASP A 608 1.71 -19.48 14.00
N TYR A 609 0.69 -18.87 13.38
CA TYR A 609 -0.72 -18.88 13.87
C TYR A 609 -1.19 -20.34 13.98
N ASP A 610 -0.76 -21.21 13.06
CA ASP A 610 -1.09 -22.66 13.05
C ASP A 610 -0.33 -23.38 14.17
N LEU A 611 0.93 -23.03 14.40
CA LEU A 611 1.73 -23.56 15.54
C LEU A 611 1.05 -23.19 16.86
N MET A 612 0.52 -21.97 16.99
CA MET A 612 -0.16 -21.52 18.22
C MET A 612 -1.40 -22.37 18.48
N ALA A 613 -2.08 -22.83 17.43
CA ALA A 613 -3.34 -23.62 17.52
C ALA A 613 -3.05 -25.09 17.89
N GLN A 614 -1.83 -25.57 17.62
CA GLN A 614 -1.41 -26.97 17.86
C GLN A 614 -1.48 -27.30 19.35
N PRO A 615 -2.22 -28.37 19.75
CA PRO A 615 -2.28 -28.76 21.16
C PRO A 615 -0.99 -29.44 21.65
N ILE A 616 -0.75 -29.43 22.97
CA ILE A 616 0.44 -30.05 23.62
C ILE A 616 0.05 -31.42 24.18
N THR A 617 0.88 -32.42 23.91
CA THR A 617 0.76 -33.80 24.47
C THR A 617 1.87 -33.99 25.50
N PRO A 618 1.54 -34.28 26.78
CA PRO A 618 2.57 -34.51 27.80
C PRO A 618 3.29 -35.83 27.53
N GLY A 619 4.53 -35.98 28.04
CA GLY A 619 5.25 -37.26 28.05
C GLY A 619 4.54 -38.27 28.94
N PRO A 620 4.88 -39.58 28.85
CA PRO A 620 4.27 -40.59 29.72
C PRO A 620 4.73 -40.41 31.18
N SER A 621 3.92 -40.86 32.14
CA SER A 621 4.24 -40.84 33.59
C SER A 621 5.34 -41.89 33.88
N ILE A 622 5.04 -43.15 33.58
CA ILE A 622 5.98 -44.31 33.69
C ILE A 622 6.65 -44.47 32.32
N PRO A 623 8.01 -44.55 32.24
CA PRO A 623 8.67 -44.82 30.97
C PRO A 623 8.21 -46.15 30.35
N GLY A 624 8.15 -46.19 29.01
CA GLY A 624 7.67 -47.36 28.23
C GLY A 624 6.16 -47.53 28.33
N ALA A 625 5.43 -46.48 28.70
CA ALA A 625 3.96 -46.42 28.71
C ALA A 625 3.49 -45.81 27.39
N PRO A 626 2.30 -46.20 26.88
CA PRO A 626 1.86 -45.75 25.56
C PRO A 626 1.75 -44.23 25.49
N GLN A 627 1.99 -43.68 24.28
CA GLN A 627 1.82 -42.25 23.90
C GLN A 627 0.53 -41.69 24.51
N PRO A 628 0.61 -40.74 25.47
CA PRO A 628 -0.60 -40.14 26.03
C PRO A 628 -1.41 -39.39 24.97
N ILE A 629 -2.63 -39.00 25.35
CA ILE A 629 -3.52 -38.11 24.55
C ILE A 629 -3.12 -36.65 24.79
N PRO A 630 -3.48 -35.71 23.89
CA PRO A 630 -3.27 -34.28 24.13
C PRO A 630 -4.12 -33.75 25.29
N ARG A 631 -3.54 -32.88 26.12
CA ARG A 631 -4.16 -32.35 27.37
C ARG A 631 -4.34 -30.84 27.31
N LEU A 632 -3.42 -30.12 26.65
CA LEU A 632 -3.36 -28.63 26.65
C LEU A 632 -3.66 -28.10 25.23
N PHE A 633 -4.79 -27.40 25.08
CA PHE A 633 -5.33 -26.88 23.80
C PHE A 633 -5.27 -25.35 23.83
N PHE A 634 -5.24 -24.71 22.66
CA PHE A 634 -5.10 -23.23 22.54
C PHE A 634 -6.12 -22.68 21.53
N ALA A 635 -6.83 -21.64 21.95
CA ALA A 635 -7.76 -20.84 21.11
C ALA A 635 -7.45 -19.35 21.32
N GLY A 636 -8.10 -18.50 20.53
CA GLY A 636 -7.93 -17.04 20.56
C GLY A 636 -7.51 -16.51 19.20
N GLU A 637 -7.65 -15.19 19.00
CA GLU A 637 -7.42 -14.49 17.71
C GLU A 637 -6.01 -14.84 17.17
N HIS A 638 -5.03 -15.06 18.04
CA HIS A 638 -3.63 -15.40 17.66
C HIS A 638 -3.49 -16.85 17.19
N THR A 639 -4.56 -17.66 17.27
CA THR A 639 -4.55 -19.11 16.91
C THR A 639 -5.19 -19.34 15.53
N ILE A 640 -5.92 -18.35 15.01
CA ILE A 640 -6.72 -18.53 13.75
C ILE A 640 -6.08 -17.72 12.60
N ARG A 641 -5.40 -18.43 11.72
CA ARG A 641 -4.50 -17.91 10.67
C ARG A 641 -5.28 -17.10 9.63
N ASN A 642 -6.52 -17.50 9.33
CA ASN A 642 -7.34 -16.94 8.21
C ASN A 642 -8.20 -15.77 8.69
N TYR A 643 -8.34 -15.56 10.01
CA TYR A 643 -9.19 -14.49 10.60
C TYR A 643 -8.53 -13.93 11.85
N PRO A 644 -7.21 -13.67 11.85
CA PRO A 644 -6.51 -13.19 13.04
C PRO A 644 -6.99 -11.79 13.44
N ALA A 645 -6.83 -11.45 14.72
CA ALA A 645 -7.02 -10.10 15.30
C ALA A 645 -8.48 -9.64 15.19
N THR A 646 -9.45 -10.55 15.15
CA THR A 646 -10.90 -10.22 15.02
C THR A 646 -11.72 -10.97 16.08
N VAL A 647 -12.96 -10.54 16.29
CA VAL A 647 -13.95 -11.22 17.18
C VAL A 647 -14.42 -12.49 16.50
N HIS A 648 -14.73 -12.42 15.19
CA HIS A 648 -15.15 -13.61 14.39
C HIS A 648 -14.02 -14.65 14.41
N GLY A 649 -12.76 -14.21 14.39
CA GLY A 649 -11.59 -15.11 14.50
C GLY A 649 -11.58 -15.83 15.83
N ALA A 650 -11.73 -15.07 16.93
CA ALA A 650 -11.81 -15.61 18.30
C ALA A 650 -12.93 -16.67 18.35
N LEU A 651 -14.16 -16.23 18.02
CA LEU A 651 -15.39 -17.07 17.93
C LEU A 651 -15.05 -18.39 17.22
N LEU A 652 -14.48 -18.30 16.02
CA LEU A 652 -14.21 -19.49 15.16
C LEU A 652 -13.16 -20.39 15.84
N SER A 653 -12.15 -19.80 16.47
CA SER A 653 -11.04 -20.54 17.14
C SER A 653 -11.62 -21.36 18.31
N GLY A 654 -12.58 -20.79 19.05
CA GLY A 654 -13.31 -21.47 20.13
C GLY A 654 -14.07 -22.68 19.62
N LEU A 655 -14.86 -22.50 18.55
CA LEU A 655 -15.69 -23.57 17.95
C LEU A 655 -14.76 -24.72 17.53
N ARG A 656 -13.62 -24.38 16.91
CA ARG A 656 -12.60 -25.34 16.41
C ARG A 656 -12.10 -26.23 17.55
N GLU A 657 -11.65 -25.62 18.65
CA GLU A 657 -11.04 -26.34 19.81
C GLU A 657 -12.10 -27.20 20.51
N ALA A 658 -13.34 -26.71 20.61
CA ALA A 658 -14.48 -27.47 21.18
C ALA A 658 -14.61 -28.79 20.42
N GLY A 659 -14.57 -28.74 19.09
CA GLY A 659 -14.65 -29.92 18.21
C GLY A 659 -13.46 -30.84 18.39
N ARG A 660 -12.25 -30.28 18.47
CA ARG A 660 -10.99 -31.04 18.63
C ARG A 660 -10.99 -31.76 19.99
N ILE A 661 -11.49 -31.10 21.04
CA ILE A 661 -11.56 -31.62 22.44
C ILE A 661 -12.64 -32.72 22.51
N ALA A 662 -13.85 -32.43 22.04
CA ALA A 662 -14.96 -33.40 21.98
C ALA A 662 -14.49 -34.67 21.24
N ASP A 663 -13.93 -34.51 20.04
CA ASP A 663 -13.43 -35.64 19.20
C ASP A 663 -12.46 -36.50 20.02
N GLN A 664 -11.65 -35.90 20.89
CA GLN A 664 -10.59 -36.57 21.69
C GLN A 664 -11.23 -37.34 22.86
N PHE A 665 -12.13 -36.69 23.61
CA PHE A 665 -12.58 -37.14 24.96
C PHE A 665 -13.97 -37.77 24.92
N LEU A 666 -14.75 -37.56 23.84
CA LEU A 666 -16.08 -38.20 23.64
C LEU A 666 -16.05 -39.13 22.42
N GLY A 667 -15.02 -39.05 21.58
CA GLY A 667 -14.87 -39.85 20.35
C GLY A 667 -15.63 -39.25 19.17
N ALA A 668 -15.15 -39.48 17.95
CA ALA A 668 -15.74 -38.99 16.67
C ALA A 668 -16.59 -40.08 16.03
N LYS B 9 5.19 -6.58 -13.48
CA LYS B 9 3.95 -5.75 -13.52
C LYS B 9 3.98 -4.66 -12.45
N PRO B 10 4.90 -3.65 -12.54
CA PRO B 10 4.92 -2.54 -11.57
C PRO B 10 3.70 -1.64 -11.74
N PRO B 11 3.36 -0.79 -10.73
CA PRO B 11 2.27 0.18 -10.90
C PRO B 11 2.70 1.29 -11.87
N LYS B 12 1.77 1.77 -12.71
CA LYS B 12 2.02 2.81 -13.74
C LYS B 12 2.55 4.08 -13.05
N GLY B 13 3.72 4.56 -13.46
CA GLY B 13 4.33 5.82 -12.97
C GLY B 13 5.23 5.62 -11.76
N MET B 14 5.15 4.47 -11.08
CA MET B 14 6.14 4.04 -10.05
C MET B 14 7.33 3.39 -10.78
N PHE B 15 8.56 3.75 -10.42
CA PHE B 15 9.80 3.24 -11.06
C PHE B 15 10.60 2.43 -10.03
N LEU B 16 10.80 1.14 -10.30
CA LEU B 16 11.39 0.13 -9.38
C LEU B 16 12.16 -0.91 -10.19
N SER B 17 13.47 -0.74 -10.37
CA SER B 17 14.35 -1.71 -11.06
C SER B 17 15.24 -2.43 -10.04
N GLN B 18 15.56 -3.70 -10.31
CA GLN B 18 16.46 -4.54 -9.47
C GLN B 18 17.72 -3.72 -9.13
N GLU B 19 18.32 -3.11 -10.15
CA GLU B 19 19.58 -2.31 -10.07
C GLU B 19 19.40 -1.15 -9.06
N ASP B 20 18.34 -0.35 -9.23
CA ASP B 20 18.05 0.85 -8.41
C ASP B 20 17.80 0.45 -6.95
N VAL B 21 17.03 -0.62 -6.73
CA VAL B 21 16.68 -1.15 -5.38
C VAL B 21 17.97 -1.51 -4.63
N GLU B 22 18.84 -2.32 -5.26
CA GLU B 22 20.12 -2.79 -4.69
C GLU B 22 21.00 -1.60 -4.28
N ALA B 23 21.01 -0.53 -5.09
CA ALA B 23 21.88 0.66 -4.93
C ALA B 23 21.43 1.49 -3.73
N VAL B 24 20.13 1.49 -3.42
CA VAL B 24 19.53 2.24 -2.27
C VAL B 24 19.73 1.43 -0.98
N SER B 25 19.77 0.10 -1.08
CA SER B 25 19.82 -0.86 0.05
C SER B 25 21.26 -1.25 0.39
N ALA B 26 22.17 -1.19 -0.59
CA ALA B 26 23.60 -1.61 -0.50
C ALA B 26 24.20 -1.22 0.85
N ASN B 27 23.97 0.02 1.30
CA ASN B 27 24.53 0.60 2.56
C ASN B 27 23.36 1.12 3.42
N ALA B 28 23.67 1.63 4.62
CA ALA B 28 22.72 2.24 5.57
C ALA B 28 22.53 3.73 5.27
N THR B 29 23.46 4.33 4.51
CA THR B 29 23.45 5.77 4.10
C THR B 29 23.60 5.89 2.57
N ALA B 30 23.49 4.79 1.83
CA ALA B 30 23.62 4.75 0.35
C ALA B 30 22.44 5.50 -0.30
N ALA B 31 21.27 5.45 0.32
CA ALA B 31 20.04 6.15 -0.12
C ALA B 31 20.30 7.67 -0.13
N THR B 32 20.65 8.22 1.03
CA THR B 32 20.93 9.67 1.23
C THR B 32 22.12 10.10 0.36
N THR B 33 23.10 9.21 0.15
CA THR B 33 24.31 9.44 -0.70
C THR B 33 23.89 9.59 -2.16
N VAL B 34 23.11 8.65 -2.69
CA VAL B 34 22.62 8.64 -4.11
C VAL B 34 21.85 9.94 -4.40
N LEU B 35 21.06 10.44 -3.44
CA LEU B 35 20.18 11.63 -3.63
C LEU B 35 21.00 12.92 -3.68
N ARG B 36 22.11 13.02 -2.92
CA ARG B 36 22.96 14.24 -2.90
C ARG B 36 23.87 14.25 -4.15
N GLN B 37 24.34 13.08 -4.59
CA GLN B 37 25.13 12.90 -5.84
C GLN B 37 24.37 13.48 -7.03
N LEU B 38 23.05 13.29 -7.05
CA LEU B 38 22.13 13.83 -8.10
C LEU B 38 21.89 15.31 -7.85
N ASP B 39 21.72 15.73 -6.59
CA ASP B 39 21.52 17.15 -6.19
C ASP B 39 22.73 17.99 -6.63
N MET B 40 23.95 17.49 -6.37
CA MET B 40 25.22 18.14 -6.78
C MET B 40 25.31 18.17 -8.31
N GLU B 41 25.06 17.02 -8.95
CA GLU B 41 25.05 16.85 -10.44
C GLU B 41 24.09 17.89 -11.05
N LEU B 42 22.94 18.13 -10.41
CA LEU B 42 21.89 19.07 -10.90
C LEU B 42 22.42 20.51 -10.84
N VAL B 43 23.09 20.88 -9.74
CA VAL B 43 23.68 22.24 -9.52
C VAL B 43 24.76 22.48 -10.59
N SER B 44 25.58 21.47 -10.87
CA SER B 44 26.72 21.52 -11.84
C SER B 44 26.21 21.69 -13.28
N VAL B 45 24.98 21.25 -13.57
CA VAL B 45 24.35 21.40 -14.92
C VAL B 45 23.67 22.77 -14.99
N LYS B 46 23.08 23.24 -13.89
CA LYS B 46 22.36 24.55 -13.83
C LYS B 46 23.36 25.71 -13.99
N ARG B 47 24.55 25.61 -13.37
CA ARG B 47 25.62 26.63 -13.48
C ARG B 47 26.18 26.63 -14.91
N GLN B 48 26.27 25.46 -15.55
CA GLN B 48 26.80 25.31 -16.92
C GLN B 48 25.80 25.90 -17.92
N ILE B 49 24.50 25.87 -17.62
CA ILE B 49 23.44 26.52 -18.43
C ILE B 49 23.63 28.04 -18.33
N GLN B 50 23.76 28.57 -17.12
CA GLN B 50 23.92 30.03 -16.84
C GLN B 50 25.16 30.56 -17.55
N ASN B 51 26.22 29.75 -17.62
CA ASN B 51 27.51 30.11 -18.28
C ASN B 51 27.26 30.24 -19.79
N ILE B 52 26.76 29.18 -20.43
CA ILE B 52 26.62 29.06 -21.91
C ILE B 52 25.56 30.04 -22.42
N LYS B 53 24.51 30.33 -21.64
CA LYS B 53 23.42 31.25 -22.07
C LYS B 53 23.93 32.69 -21.98
N GLN B 54 24.95 32.94 -21.14
CA GLN B 54 25.61 34.28 -20.99
C GLN B 54 26.66 34.45 -22.11
N THR B 55 27.39 33.38 -22.43
CA THR B 55 28.30 33.29 -23.61
C THR B 55 27.49 33.55 -24.89
N ASN B 56 26.33 32.91 -25.01
CA ASN B 56 25.43 32.99 -26.21
C ASN B 56 24.80 34.38 -26.29
N SER B 57 24.61 35.06 -25.16
CA SER B 57 24.06 36.44 -25.06
C SER B 57 25.06 37.45 -25.64
N ALA B 58 26.36 37.22 -25.41
CA ALA B 58 27.49 38.05 -25.91
C ALA B 58 27.61 37.93 -27.43
N LEU B 59 27.48 36.71 -27.97
CA LEU B 59 27.56 36.43 -29.43
C LEU B 59 26.39 37.11 -30.15
N LYS B 60 25.20 37.10 -29.54
CA LYS B 60 23.97 37.74 -30.09
C LYS B 60 24.19 39.26 -30.18
N GLU B 61 24.87 39.84 -29.19
CA GLU B 61 25.20 41.30 -29.13
C GLU B 61 26.07 41.67 -30.33
N LYS B 62 27.01 40.81 -30.71
CA LYS B 62 27.98 41.03 -31.82
C LYS B 62 27.28 40.93 -33.19
N LEU B 63 26.15 40.21 -33.27
CA LEU B 63 25.38 40.02 -34.54
C LEU B 63 24.28 41.09 -34.67
N ASP B 64 24.17 42.00 -33.70
CA ASP B 64 23.13 43.07 -33.65
C ASP B 64 23.19 43.88 -34.95
N GLY B 65 22.11 43.85 -35.73
CA GLY B 65 21.99 44.52 -37.05
C GLY B 65 21.95 43.51 -38.19
N GLY B 66 22.30 42.25 -37.93
CA GLY B 66 22.36 41.17 -38.92
C GLY B 66 23.37 41.49 -40.01
N ILE B 67 23.01 41.24 -41.28
CA ILE B 67 23.85 41.53 -42.47
C ILE B 67 23.07 42.44 -43.43
N GLU B 68 22.16 43.25 -42.90
CA GLU B 68 21.27 44.15 -43.70
C GLU B 68 22.11 45.24 -44.38
N PRO B 69 23.10 45.85 -43.70
CA PRO B 69 23.97 46.84 -44.34
C PRO B 69 24.84 46.32 -45.49
N TYR B 70 25.18 45.01 -45.48
CA TYR B 70 26.11 44.36 -46.44
C TYR B 70 25.32 43.55 -47.48
N ARG B 71 23.99 43.65 -47.46
CA ARG B 71 23.10 42.91 -48.39
C ARG B 71 23.08 43.64 -49.75
N LEU B 72 23.23 42.88 -50.84
CA LEU B 72 23.27 43.42 -52.22
C LEU B 72 21.92 43.20 -52.91
N PRO B 73 21.38 44.21 -53.63
CA PRO B 73 20.13 44.04 -54.36
C PRO B 73 20.18 42.89 -55.38
N GLU B 74 19.06 42.17 -55.51
CA GLU B 74 18.88 41.02 -56.44
C GLU B 74 18.88 41.54 -57.88
N VAL B 75 19.57 40.84 -58.78
CA VAL B 75 19.61 41.11 -60.25
C VAL B 75 19.16 39.85 -60.98
N ILE B 76 18.18 39.97 -61.88
CA ILE B 76 17.61 38.84 -62.68
C ILE B 76 17.69 39.21 -64.17
N GLN B 77 18.87 39.05 -64.78
CA GLN B 77 19.12 39.32 -66.22
C GLN B 77 18.55 38.16 -67.06
N LYS B 78 17.88 38.48 -68.17
CA LYS B 78 17.22 37.51 -69.08
C LYS B 78 18.30 36.68 -69.79
N CYS B 79 18.42 35.39 -69.42
CA CYS B 79 19.38 34.40 -69.98
C CYS B 79 19.38 34.49 -71.51
N ASN B 80 20.57 34.71 -72.10
CA ASN B 80 20.78 34.84 -73.58
C ASN B 80 21.59 33.63 -74.08
N ALA B 81 21.37 33.23 -75.33
CA ALA B 81 21.95 32.02 -75.97
C ALA B 81 23.30 32.35 -76.62
N ARG B 82 23.50 33.60 -77.04
CA ARG B 82 24.70 34.07 -77.77
C ARG B 82 25.76 34.53 -76.77
N TRP B 83 27.02 34.15 -77.00
CA TRP B 83 28.20 34.51 -76.16
C TRP B 83 28.91 35.72 -76.77
N THR B 84 28.94 36.86 -76.06
CA THR B 84 29.77 38.05 -76.41
C THR B 84 31.23 37.75 -76.01
N THR B 85 32.18 38.46 -76.61
CA THR B 85 33.63 38.34 -76.30
C THR B 85 33.84 38.67 -74.82
N GLU B 86 33.08 39.64 -74.28
CA GLU B 86 33.06 40.00 -72.84
C GLU B 86 32.74 38.74 -72.02
N GLU B 87 31.61 38.10 -72.33
CA GLU B 87 31.06 36.92 -71.62
C GLU B 87 32.06 35.76 -71.69
N GLN B 88 32.66 35.52 -72.86
CA GLN B 88 33.70 34.46 -73.08
C GLN B 88 34.86 34.68 -72.11
N LEU B 89 35.31 35.92 -71.96
CA LEU B 89 36.49 36.30 -71.13
C LEU B 89 36.15 36.17 -69.64
N LEU B 90 34.98 36.66 -69.23
CA LEU B 90 34.45 36.48 -67.85
C LEU B 90 34.50 34.98 -67.48
N ALA B 91 34.04 34.12 -68.39
CA ALA B 91 33.95 32.66 -68.21
C ALA B 91 35.35 32.08 -67.92
N VAL B 92 36.31 32.34 -68.80
CA VAL B 92 37.70 31.80 -68.70
C VAL B 92 38.31 32.20 -67.35
N GLN B 93 38.02 33.41 -66.87
CA GLN B 93 38.50 33.92 -65.56
C GLN B 93 37.75 33.22 -64.42
N ALA B 94 36.44 33.01 -64.59
CA ALA B 94 35.56 32.30 -63.64
C ALA B 94 36.02 30.84 -63.52
N ILE B 95 36.36 30.21 -64.65
CA ILE B 95 36.94 28.83 -64.70
C ILE B 95 38.22 28.81 -63.88
N ARG B 96 39.06 29.84 -64.04
CA ARG B 96 40.40 29.96 -63.38
C ARG B 96 40.23 30.11 -61.86
N LYS B 97 39.16 30.77 -61.41
CA LYS B 97 38.93 31.08 -59.97
C LYS B 97 38.16 29.95 -59.29
N TYR B 98 37.15 29.38 -59.96
CA TYR B 98 36.12 28.48 -59.37
C TYR B 98 36.30 27.03 -59.85
N GLY B 99 37.19 26.76 -60.81
CA GLY B 99 37.51 25.41 -61.30
C GLY B 99 36.37 24.80 -62.12
N ARG B 100 35.78 23.71 -61.61
CA ARG B 100 34.76 22.89 -62.34
C ARG B 100 33.34 23.22 -61.83
N ASP B 101 33.20 24.04 -60.78
CA ASP B 101 31.89 24.50 -60.24
C ASP B 101 31.20 25.35 -61.30
N PHE B 102 30.12 24.82 -61.90
CA PHE B 102 29.40 25.42 -63.06
C PHE B 102 28.38 26.46 -62.59
N GLN B 103 27.89 26.35 -61.36
CA GLN B 103 26.80 27.22 -60.82
C GLN B 103 27.40 28.61 -60.52
N ALA B 104 28.55 28.65 -59.84
CA ALA B 104 29.32 29.88 -59.54
C ALA B 104 29.58 30.64 -60.85
N ILE B 105 30.10 29.93 -61.86
CA ILE B 105 30.48 30.50 -63.19
C ILE B 105 29.24 31.17 -63.82
N SER B 106 28.09 30.49 -63.80
CA SER B 106 26.79 30.99 -64.32
C SER B 106 26.39 32.28 -63.60
N ASP B 107 26.58 32.34 -62.28
CA ASP B 107 26.19 33.49 -61.42
C ASP B 107 27.04 34.72 -61.78
N VAL B 108 28.35 34.51 -62.00
CA VAL B 108 29.35 35.57 -62.35
C VAL B 108 28.93 36.26 -63.65
N ILE B 109 28.75 35.48 -64.71
CA ILE B 109 28.39 35.98 -66.07
C ILE B 109 27.03 36.68 -66.00
N GLY B 110 26.03 36.02 -65.41
CA GLY B 110 24.73 36.61 -65.04
C GLY B 110 23.61 36.28 -66.02
N ASN B 111 23.95 35.87 -67.25
CA ASN B 111 22.97 35.59 -68.33
C ASN B 111 23.43 34.36 -69.13
N LYS B 112 23.83 33.29 -68.44
CA LYS B 112 24.17 31.98 -69.05
C LYS B 112 23.75 30.85 -68.08
N SER B 113 22.88 29.94 -68.55
CA SER B 113 22.42 28.73 -67.82
C SER B 113 23.60 27.77 -67.60
N VAL B 114 23.45 26.81 -66.68
CA VAL B 114 24.51 25.86 -66.26
C VAL B 114 24.81 24.91 -67.42
N VAL B 115 23.81 24.63 -68.27
CA VAL B 115 23.93 23.76 -69.48
C VAL B 115 24.83 24.48 -70.50
N GLN B 116 24.54 25.74 -70.79
CA GLN B 116 25.30 26.61 -71.73
C GLN B 116 26.77 26.67 -71.29
N VAL B 117 27.01 26.80 -69.98
CA VAL B 117 28.38 26.79 -69.36
C VAL B 117 29.01 25.41 -69.62
N LYS B 118 28.26 24.33 -69.36
CA LYS B 118 28.69 22.92 -69.56
C LYS B 118 29.03 22.70 -71.03
N ASN B 119 28.21 23.24 -71.95
CA ASN B 119 28.43 23.21 -73.42
C ASN B 119 29.71 23.98 -73.76
N PHE B 120 29.83 25.22 -73.25
CA PHE B 120 30.98 26.14 -73.43
C PHE B 120 32.29 25.39 -73.12
N PHE B 121 32.32 24.63 -72.02
CA PHE B 121 33.49 23.86 -71.52
C PHE B 121 34.03 22.91 -72.60
N VAL B 122 33.16 22.40 -73.47
CA VAL B 122 33.51 21.40 -74.53
C VAL B 122 33.83 22.13 -75.83
N ASN B 123 32.98 23.09 -76.23
CA ASN B 123 33.07 23.85 -77.51
C ASN B 123 34.43 24.55 -77.60
N TYR B 124 34.77 25.34 -76.57
CA TYR B 124 35.91 26.28 -76.55
C TYR B 124 37.14 25.66 -75.90
N ARG B 125 37.06 24.41 -75.41
CA ARG B 125 38.15 23.70 -74.69
C ARG B 125 39.46 23.82 -75.49
N ARG B 126 39.38 23.67 -76.81
CA ARG B 126 40.54 23.71 -77.74
C ARG B 126 41.11 25.15 -77.77
N ARG B 127 40.26 26.16 -78.01
CA ARG B 127 40.67 27.55 -78.34
C ARG B 127 41.07 28.31 -77.07
N PHE B 128 40.40 28.06 -75.94
CA PHE B 128 40.64 28.74 -74.64
C PHE B 128 41.46 27.86 -73.69
N ASN B 129 42.16 26.85 -74.22
CA ASN B 129 43.07 25.95 -73.46
C ASN B 129 42.51 25.67 -72.06
N ILE B 130 41.24 25.27 -71.96
CA ILE B 130 40.50 25.11 -70.68
C ILE B 130 41.20 24.06 -69.80
N ASP B 131 41.77 23.02 -70.42
CA ASP B 131 42.53 21.95 -69.72
C ASP B 131 43.68 22.58 -68.93
N GLU B 132 44.46 23.47 -69.57
CA GLU B 132 45.59 24.22 -68.94
C GLU B 132 45.04 25.08 -67.78
N VAL B 133 43.90 25.74 -67.98
CA VAL B 133 43.27 26.67 -66.99
C VAL B 133 42.88 25.88 -65.75
N LEU B 134 42.35 24.66 -65.92
CA LEU B 134 41.93 23.76 -64.80
C LEU B 134 43.16 23.32 -64.01
N GLN B 135 44.25 22.96 -64.70
CA GLN B 135 45.56 22.56 -64.07
C GLN B 135 46.05 23.70 -63.17
N GLU B 136 45.96 24.95 -63.64
CA GLU B 136 46.39 26.17 -62.91
C GLU B 136 45.53 26.36 -61.66
N TRP B 137 44.22 26.09 -61.74
CA TRP B 137 43.26 26.21 -60.61
C TRP B 137 43.58 25.15 -59.54
N GLU B 138 43.98 23.94 -59.96
CA GLU B 138 44.23 22.77 -59.07
C GLU B 138 45.47 23.03 -58.21
N ALA B 139 46.49 23.72 -58.75
CA ALA B 139 47.82 23.94 -58.15
C ALA B 139 47.68 24.49 -56.71
N PRO C 1 -5.24 -6.10 11.10
CA PRO C 1 -4.98 -6.47 9.68
C PRO C 1 -5.59 -5.47 8.68
N ARG C 2 -5.46 -5.77 7.38
CA ARG C 2 -5.92 -4.92 6.26
C ARG C 2 -7.40 -4.54 6.43
N SER C 3 -8.24 -5.50 6.80
CA SER C 3 -9.73 -5.38 6.92
C SER C 3 -10.13 -4.12 7.72
N PHE C 4 -9.33 -3.72 8.71
CA PHE C 4 -9.70 -2.63 9.66
C PHE C 4 -9.46 -1.25 9.04
N LEU C 5 -8.72 -1.17 7.92
CA LEU C 5 -8.39 0.11 7.22
C LEU C 5 -9.67 0.92 6.97
N VAL C 6 -9.58 2.23 7.20
CA VAL C 6 -10.65 3.24 6.92
C VAL C 6 -10.53 3.66 5.46
N ARG C 7 -11.66 4.05 4.83
CA ARG C 7 -11.70 4.55 3.44
C ARG C 7 -11.04 3.53 2.50
N ARG C 8 -11.42 2.24 2.62
CA ARG C 8 -10.80 1.13 1.85
C ARG C 8 -11.20 1.24 0.37
N ARG C 9 -10.22 1.16 -0.53
CA ARG C 9 -10.38 1.27 -2.01
C ARG C 9 -9.49 0.22 -2.69
#